data_5VJY
#
_entry.id   5VJY
#
_cell.length_a   118.640
_cell.length_b   118.640
_cell.length_c   98.980
_cell.angle_alpha   90.000
_cell.angle_beta   90.000
_cell.angle_gamma   120.000
#
_symmetry.space_group_name_H-M   'P 63'
#
loop_
_entity.id
_entity.type
_entity.pdbx_description
1 polymer 'dUTP pyrophosphatase'
2 non-polymer 2-[BIS-(2-HYDROXY-ETHYL)-AMINO]-2-HYDROXYMETHYL-PROPANE-1,3-DIOL
3 non-polymer 1,2-ETHANEDIOL
4 water water
#
_entity_poly.entity_id   1
_entity_poly.type   'polypeptide(L)'
_entity_poly.pdbx_seq_one_letter_code
;MAHHHHHHMSTPQLMRVKKLSEFAILPVRSSQFAAGFDLASAYDYVVPARGKCLVKTDLAVAVPHGYYGRVAPRSGLAVK
NFIDVGAGVVDSDYRGNLGVLLFNHGDEDFKIARGDRIAQFVIEQIALPDIVEVDDLDETERGAGGFGSTGVKSK
;
_entity_poly.pdbx_strand_id   A,B,C,D,E
#
loop_
_chem_comp.id
_chem_comp.type
_chem_comp.name
_chem_comp.formula
BTB non-polymer 2-[BIS-(2-HYDROXY-ETHYL)-AMINO]-2-HYDROXYMETHYL-PROPANE-1,3-DIOL 'C8 H19 N O5'
EDO non-polymer 1,2-ETHANEDIOL 'C2 H6 O2'
#
# COMPACT_ATOMS: atom_id res chain seq x y z
N HIS A 8 2.29 -43.60 6.47
CA HIS A 8 1.64 -43.43 7.77
C HIS A 8 0.57 -42.35 7.71
N MET A 9 -0.67 -42.77 7.51
CA MET A 9 -1.78 -41.82 7.41
C MET A 9 -2.69 -41.94 8.62
N SER A 10 -3.45 -40.88 8.86
CA SER A 10 -4.49 -40.94 9.87
C SER A 10 -5.57 -41.95 9.45
N THR A 11 -6.21 -42.54 10.44
CA THR A 11 -7.30 -43.49 10.27
C THR A 11 -8.45 -43.04 11.16
N PRO A 12 -9.64 -43.64 11.00
CA PRO A 12 -10.73 -43.34 11.95
C PRO A 12 -10.38 -43.67 13.39
N GLN A 13 -9.38 -44.52 13.63
CA GLN A 13 -8.97 -44.84 14.99
C GLN A 13 -7.82 -43.98 15.50
N LEU A 14 -7.02 -43.39 14.61
CA LEU A 14 -5.78 -42.72 14.99
C LEU A 14 -5.56 -41.47 14.13
N MET A 15 -5.67 -40.29 14.72
CA MET A 15 -5.49 -39.04 14.00
C MET A 15 -4.15 -38.41 14.35
N ARG A 16 -3.35 -38.12 13.33
CA ARG A 16 -2.03 -37.54 13.53
C ARG A 16 -2.13 -36.02 13.68
N VAL A 17 -1.38 -35.48 14.63
CA VAL A 17 -1.38 -34.05 14.91
CA VAL A 17 -1.38 -34.06 14.96
C VAL A 17 0.06 -33.62 15.22
N LYS A 18 0.39 -32.39 14.81
CA LYS A 18 1.72 -31.83 15.00
C LYS A 18 1.62 -30.50 15.72
N LYS A 19 2.46 -30.28 16.72
CA LYS A 19 2.51 -28.98 17.38
C LYS A 19 3.38 -28.04 16.54
N LEU A 20 2.85 -26.87 16.20
CA LEU A 20 3.63 -25.91 15.43
C LEU A 20 4.42 -24.97 16.32
N SER A 21 4.20 -25.00 17.63
CA SER A 21 4.99 -24.22 18.57
C SER A 21 4.87 -24.86 19.94
N GLU A 22 5.68 -24.36 20.88
CA GLU A 22 5.63 -24.78 22.26
C GLU A 22 4.34 -24.36 22.94
N PHE A 23 3.58 -23.44 22.35
CA PHE A 23 2.37 -22.92 22.98
C PHE A 23 1.12 -23.74 22.65
N ALA A 24 1.22 -24.74 21.78
CA ALA A 24 0.05 -25.52 21.41
C ALA A 24 -0.30 -26.54 22.47
N ILE A 25 -1.59 -26.85 22.56
CA ILE A 25 -2.10 -27.87 23.48
C ILE A 25 -2.79 -28.94 22.64
N LEU A 26 -2.44 -30.19 22.89
CA LEU A 26 -2.97 -31.25 22.05
C LEU A 26 -4.49 -31.36 22.22
N PRO A 27 -5.22 -31.70 21.17
CA PRO A 27 -6.64 -31.95 21.33
C PRO A 27 -6.84 -33.10 22.30
N VAL A 28 -7.91 -33.05 23.08
CA VAL A 28 -8.20 -34.09 24.06
C VAL A 28 -9.71 -34.25 24.17
N ARG A 29 -10.16 -35.49 24.26
CA ARG A 29 -11.60 -35.77 24.29
C ARG A 29 -12.04 -35.88 25.74
N SER A 30 -13.06 -35.10 26.13
CA SER A 30 -13.42 -35.00 27.54
C SER A 30 -13.98 -36.31 28.10
N SER A 31 -14.56 -37.17 27.27
CA SER A 31 -14.97 -38.48 27.75
C SER A 31 -15.00 -39.45 26.58
N GLN A 32 -15.28 -40.72 26.90
CA GLN A 32 -15.12 -41.78 25.91
C GLN A 32 -15.98 -41.53 24.67
N PHE A 33 -17.21 -41.03 24.84
CA PHE A 33 -18.09 -40.87 23.70
C PHE A 33 -18.39 -39.40 23.38
N ALA A 34 -17.64 -38.47 23.96
CA ALA A 34 -17.78 -37.06 23.57
C ALA A 34 -17.55 -36.90 22.08
N ALA A 35 -18.41 -36.11 21.45
CA ALA A 35 -18.37 -35.94 20.00
C ALA A 35 -17.07 -35.29 19.54
N GLY A 36 -16.52 -34.36 20.32
CA GLY A 36 -15.43 -33.54 19.85
C GLY A 36 -14.25 -33.52 20.81
N PHE A 37 -13.06 -33.26 20.23
CA PHE A 37 -11.88 -32.90 21.01
C PHE A 37 -11.97 -31.46 21.49
N ASP A 38 -11.56 -31.19 22.73
CA ASP A 38 -11.37 -29.80 23.16
C ASP A 38 -10.25 -29.14 22.35
N LEU A 39 -10.47 -27.92 21.87
CA LEU A 39 -9.42 -27.10 21.30
C LEU A 39 -9.16 -25.89 22.18
N ALA A 40 -7.89 -25.50 22.33
CA ALA A 40 -7.51 -24.41 23.21
C ALA A 40 -6.70 -23.37 22.45
N SER A 41 -6.78 -22.13 22.93
CA SER A 41 -6.04 -21.03 22.29
C SER A 41 -4.57 -21.11 22.62
N ALA A 42 -3.72 -20.89 21.62
CA ALA A 42 -2.29 -20.78 21.84
C ALA A 42 -1.85 -19.38 22.24
N TYR A 43 -2.69 -18.35 22.07
CA TYR A 43 -2.25 -16.99 22.37
C TYR A 43 -3.36 -16.23 23.09
N ASP A 44 -3.11 -14.95 23.34
CA ASP A 44 -4.11 -14.07 23.94
C ASP A 44 -4.89 -13.36 22.84
N TYR A 45 -6.20 -13.28 23.03
CA TYR A 45 -7.09 -12.66 22.07
C TYR A 45 -8.25 -11.99 22.78
N VAL A 46 -8.98 -11.17 22.03
CA VAL A 46 -10.30 -10.71 22.45
CA VAL A 46 -10.31 -10.66 22.44
C VAL A 46 -11.23 -10.89 21.25
N VAL A 47 -12.41 -11.45 21.49
CA VAL A 47 -13.48 -11.47 20.50
C VAL A 47 -14.33 -10.23 20.75
N PRO A 48 -14.26 -9.21 19.90
CA PRO A 48 -14.95 -7.97 20.21
C PRO A 48 -16.46 -8.20 20.26
N ALA A 49 -17.14 -7.41 21.09
CA ALA A 49 -18.59 -7.38 21.10
C ALA A 49 -19.12 -7.18 19.69
N ARG A 50 -20.12 -7.98 19.31
CA ARG A 50 -20.70 -7.91 17.96
CA ARG A 50 -20.70 -7.95 17.97
C ARG A 50 -19.62 -8.08 16.89
N GLY A 51 -18.62 -8.88 17.17
CA GLY A 51 -17.47 -8.94 16.28
C GLY A 51 -16.93 -10.34 16.15
N LYS A 52 -15.70 -10.48 15.63
CA LYS A 52 -15.15 -11.78 15.31
C LYS A 52 -13.65 -11.78 15.59
N CYS A 53 -13.07 -12.99 15.69
CA CYS A 53 -11.65 -13.16 15.95
C CYS A 53 -11.23 -14.56 15.51
N LEU A 54 -10.16 -14.66 14.72
CA LEU A 54 -9.58 -15.94 14.36
C LEU A 54 -8.52 -16.31 15.40
N VAL A 55 -8.69 -17.45 16.05
CA VAL A 55 -7.86 -17.89 17.17
C VAL A 55 -6.97 -19.03 16.70
N LYS A 56 -5.65 -18.90 16.86
CA LYS A 56 -4.74 -19.99 16.52
C LYS A 56 -4.71 -21.06 17.62
N THR A 57 -4.71 -22.32 17.21
CA THR A 57 -4.32 -23.39 18.12
C THR A 57 -2.85 -23.74 18.02
N ASP A 58 -2.16 -23.33 16.95
CA ASP A 58 -0.78 -23.74 16.66
C ASP A 58 -0.64 -25.26 16.55
N LEU A 59 -1.71 -25.91 16.10
CA LEU A 59 -1.71 -27.32 15.73
C LEU A 59 -1.85 -27.42 14.22
N ALA A 60 -1.18 -28.41 13.63
CA ALA A 60 -1.55 -28.91 12.31
C ALA A 60 -2.14 -30.31 12.48
N VAL A 61 -3.25 -30.59 11.79
CA VAL A 61 -3.92 -31.87 11.96
C VAL A 61 -4.07 -32.55 10.60
N ALA A 62 -4.11 -33.88 10.62
CA ALA A 62 -4.35 -34.67 9.42
C ALA A 62 -5.65 -35.45 9.66
N VAL A 63 -6.78 -34.83 9.33
CA VAL A 63 -8.06 -35.53 9.46
C VAL A 63 -8.10 -36.71 8.50
N PRO A 64 -8.55 -37.90 8.92
CA PRO A 64 -8.54 -39.05 8.02
C PRO A 64 -9.43 -38.87 6.79
N HIS A 65 -8.98 -39.40 5.65
CA HIS A 65 -9.77 -39.38 4.42
C HIS A 65 -11.09 -40.11 4.62
N GLY A 66 -12.15 -39.59 3.97
CA GLY A 66 -13.50 -40.05 4.21
C GLY A 66 -14.24 -39.25 5.26
N TYR A 67 -13.58 -38.26 5.84
CA TYR A 67 -14.08 -37.44 6.93
C TYR A 67 -13.66 -36.00 6.67
N TYR A 68 -14.19 -35.09 7.47
CA TYR A 68 -13.61 -33.76 7.60
C TYR A 68 -13.69 -33.40 9.08
N GLY A 69 -12.90 -32.41 9.49
CA GLY A 69 -12.92 -31.95 10.86
C GLY A 69 -13.79 -30.72 10.94
N ARG A 70 -14.82 -30.78 11.79
CA ARG A 70 -15.67 -29.62 12.00
C ARG A 70 -15.29 -28.95 13.32
N VAL A 71 -14.80 -27.72 13.22
CA VAL A 71 -14.70 -26.88 14.41
C VAL A 71 -16.11 -26.49 14.83
N ALA A 72 -16.46 -26.79 16.06
CA ALA A 72 -17.84 -26.67 16.51
C ALA A 72 -17.86 -25.97 17.86
N PRO A 73 -18.99 -25.37 18.24
CA PRO A 73 -19.00 -24.57 19.47
C PRO A 73 -19.00 -25.41 20.74
N ARG A 74 -18.35 -24.86 21.77
CA ARG A 74 -18.57 -25.34 23.13
CA ARG A 74 -18.56 -25.34 23.13
C ARG A 74 -19.90 -24.83 23.62
N SER A 75 -20.69 -25.73 24.24
CA SER A 75 -22.05 -25.33 24.61
C SER A 75 -22.05 -24.21 25.65
N GLY A 76 -21.18 -24.30 26.65
CA GLY A 76 -21.21 -23.32 27.74
C GLY A 76 -20.94 -21.90 27.25
N LEU A 77 -19.92 -21.73 26.42
CA LEU A 77 -19.61 -20.39 25.91
C LEU A 77 -20.72 -19.85 25.02
N ALA A 78 -21.43 -20.72 24.31
CA ALA A 78 -22.54 -20.27 23.47
C ALA A 78 -23.71 -19.79 24.32
N VAL A 79 -24.12 -20.61 25.31
CA VAL A 79 -25.32 -20.31 26.09
C VAL A 79 -25.07 -19.10 27.00
N LYS A 80 -23.91 -19.03 27.63
CA LYS A 80 -23.61 -17.97 28.59
C LYS A 80 -22.97 -16.74 27.94
N ASN A 81 -22.08 -16.92 26.96
CA ASN A 81 -21.30 -15.77 26.48
C ASN A 81 -21.58 -15.41 25.03
N PHE A 82 -22.63 -15.97 24.41
CA PHE A 82 -23.07 -15.64 23.05
CA PHE A 82 -23.03 -15.55 23.07
C PHE A 82 -21.98 -15.90 22.02
N ILE A 83 -21.15 -16.90 22.25
CA ILE A 83 -20.04 -17.22 21.34
C ILE A 83 -20.49 -18.27 20.34
N ASP A 84 -20.20 -18.03 19.06
CA ASP A 84 -20.49 -19.01 18.02
C ASP A 84 -19.25 -19.22 17.16
N VAL A 85 -19.23 -20.32 16.41
CA VAL A 85 -18.07 -20.69 15.60
C VAL A 85 -18.44 -20.47 14.14
N GLY A 86 -17.68 -19.61 13.44
CA GLY A 86 -17.81 -19.46 12.00
C GLY A 86 -16.84 -20.38 11.26
N ALA A 87 -16.90 -20.34 9.94
CA ALA A 87 -16.01 -21.16 9.09
C ALA A 87 -16.08 -22.61 9.61
N GLY A 88 -14.94 -23.29 9.84
CA GLY A 88 -14.93 -24.51 10.61
C GLY A 88 -14.92 -25.81 9.80
N VAL A 89 -14.88 -25.74 8.47
CA VAL A 89 -14.78 -26.95 7.66
C VAL A 89 -13.29 -27.19 7.41
N VAL A 90 -12.70 -28.15 8.13
CA VAL A 90 -11.29 -28.49 7.97
C VAL A 90 -11.18 -29.72 7.07
N ASP A 91 -10.64 -29.53 5.86
CA ASP A 91 -10.50 -30.62 4.90
C ASP A 91 -9.42 -31.60 5.35
N SER A 92 -9.55 -32.83 4.88
CA SER A 92 -8.62 -33.85 5.31
C SER A 92 -7.22 -33.65 4.74
N ASP A 93 -7.06 -32.81 3.71
CA ASP A 93 -5.71 -32.47 3.25
C ASP A 93 -5.26 -31.09 3.73
N TYR A 94 -5.95 -30.48 4.67
CA TYR A 94 -5.54 -29.18 5.19
C TYR A 94 -4.36 -29.36 6.14
N ARG A 95 -3.27 -28.64 5.88
CA ARG A 95 -2.05 -28.80 6.68
C ARG A 95 -1.59 -27.48 7.30
N GLY A 96 -2.41 -26.45 7.27
CA GLY A 96 -2.05 -25.19 7.90
C GLY A 96 -2.38 -25.21 9.39
N ASN A 97 -2.16 -24.05 10.01
CA ASN A 97 -2.46 -23.86 11.42
C ASN A 97 -3.98 -23.99 11.62
N LEU A 98 -4.38 -24.91 12.49
CA LEU A 98 -5.80 -25.08 12.78
C LEU A 98 -6.33 -23.86 13.54
N GLY A 99 -7.12 -23.04 12.85
CA GLY A 99 -7.69 -21.82 13.42
C GLY A 99 -9.13 -22.02 13.85
N VAL A 100 -9.55 -21.28 14.86
CA VAL A 100 -10.95 -21.27 15.33
C VAL A 100 -11.50 -19.86 15.11
N LEU A 101 -12.50 -19.74 14.24
CA LEU A 101 -13.10 -18.43 13.97
C LEU A 101 -14.26 -18.26 14.91
N LEU A 102 -14.14 -17.32 15.84
CA LEU A 102 -15.18 -17.08 16.84
C LEU A 102 -15.96 -15.82 16.47
N PHE A 103 -17.29 -15.90 16.56
CA PHE A 103 -18.18 -14.76 16.49
C PHE A 103 -18.70 -14.50 17.91
N ASN A 104 -18.68 -13.24 18.34
CA ASN A 104 -19.23 -12.83 19.63
C ASN A 104 -20.47 -12.00 19.35
N HIS A 105 -21.65 -12.56 19.54
CA HIS A 105 -22.86 -11.79 19.27
C HIS A 105 -23.33 -11.00 20.48
N GLY A 106 -22.59 -11.00 21.58
CA GLY A 106 -22.98 -10.27 22.76
C GLY A 106 -22.51 -8.83 22.71
N ASP A 107 -22.88 -8.07 23.74
CA ASP A 107 -22.52 -6.66 23.80
CA ASP A 107 -22.52 -6.65 23.79
C ASP A 107 -21.30 -6.37 24.67
N GLU A 108 -20.64 -7.41 25.20
CA GLU A 108 -19.37 -7.24 25.91
C GLU A 108 -18.28 -8.04 25.21
N ASP A 109 -17.05 -7.52 25.23
CA ASP A 109 -15.93 -8.25 24.66
C ASP A 109 -15.75 -9.58 25.39
N PHE A 110 -15.22 -10.57 24.67
CA PHE A 110 -14.94 -11.89 25.24
C PHE A 110 -13.42 -12.09 25.24
N LYS A 111 -12.83 -12.17 26.43
CA LYS A 111 -11.38 -12.24 26.58
C LYS A 111 -10.91 -13.69 26.53
N ILE A 112 -9.79 -13.92 25.86
CA ILE A 112 -9.23 -15.25 25.68
C ILE A 112 -7.76 -15.19 26.08
N ALA A 113 -7.35 -16.06 27.00
CA ALA A 113 -5.94 -16.20 27.35
C ALA A 113 -5.44 -17.53 26.83
N ARG A 114 -4.13 -17.63 26.62
CA ARG A 114 -3.52 -18.87 26.19
C ARG A 114 -3.95 -20.00 27.13
N GLY A 115 -4.33 -21.14 26.55
CA GLY A 115 -4.81 -22.27 27.31
C GLY A 115 -6.32 -22.36 27.48
N ASP A 116 -7.06 -21.28 27.24
CA ASP A 116 -8.51 -21.33 27.37
C ASP A 116 -9.09 -22.26 26.30
N ARG A 117 -10.00 -23.15 26.71
CA ARG A 117 -10.71 -23.99 25.76
C ARG A 117 -11.80 -23.18 25.07
N ILE A 118 -11.79 -23.13 23.73
CA ILE A 118 -12.66 -22.20 23.04
C ILE A 118 -13.42 -22.81 21.87
N ALA A 119 -13.31 -24.10 21.64
CA ALA A 119 -14.07 -24.80 20.61
C ALA A 119 -13.92 -26.29 20.84
N GLN A 120 -14.60 -27.08 20.01
CA GLN A 120 -14.37 -28.50 19.96
C GLN A 120 -14.24 -28.91 18.50
N PHE A 121 -13.77 -30.12 18.27
CA PHE A 121 -13.33 -30.55 16.94
C PHE A 121 -13.91 -31.94 16.69
N VAL A 122 -14.90 -32.02 15.80
CA VAL A 122 -15.67 -33.24 15.55
C VAL A 122 -15.22 -33.84 14.21
N ILE A 123 -14.95 -35.14 14.18
CA ILE A 123 -14.51 -35.83 12.95
C ILE A 123 -15.76 -36.41 12.31
N GLU A 124 -16.33 -35.66 11.35
CA GLU A 124 -17.61 -36.02 10.76
CA GLU A 124 -17.61 -35.97 10.73
C GLU A 124 -17.41 -36.88 9.51
N GLN A 125 -18.17 -37.96 9.42
CA GLN A 125 -18.06 -38.88 8.28
C GLN A 125 -18.86 -38.37 7.09
N ILE A 126 -18.26 -38.42 5.90
CA ILE A 126 -18.88 -37.84 4.70
C ILE A 126 -18.74 -38.78 3.53
N ALA A 127 -19.62 -38.57 2.53
CA ALA A 127 -19.39 -39.13 1.21
C ALA A 127 -18.65 -38.09 0.38
N LEU A 128 -17.97 -38.56 -0.66
CA LEU A 128 -17.28 -37.69 -1.61
C LEU A 128 -17.72 -38.04 -3.03
N PRO A 129 -19.00 -37.85 -3.35
CA PRO A 129 -19.48 -38.27 -4.67
C PRO A 129 -18.93 -37.38 -5.78
N ASP A 130 -18.90 -37.96 -6.99
CA ASP A 130 -18.77 -37.16 -8.20
C ASP A 130 -20.14 -36.62 -8.61
N ILE A 131 -20.13 -35.65 -9.53
CA ILE A 131 -21.34 -34.98 -10.00
C ILE A 131 -21.72 -35.54 -11.35
N VAL A 132 -22.98 -35.87 -11.55
CA VAL A 132 -23.50 -36.16 -12.88
C VAL A 132 -24.67 -35.23 -13.15
N GLU A 133 -24.52 -34.38 -14.16
CA GLU A 133 -25.61 -33.49 -14.54
C GLU A 133 -26.64 -34.27 -15.35
N VAL A 134 -27.90 -34.16 -14.95
CA VAL A 134 -28.98 -34.86 -15.64
C VAL A 134 -30.04 -33.86 -16.02
N ASP A 135 -30.91 -34.28 -16.94
CA ASP A 135 -32.09 -33.50 -17.30
C ASP A 135 -33.31 -33.81 -16.45
N ASP A 136 -33.32 -34.96 -15.78
CA ASP A 136 -34.46 -35.41 -14.97
C ASP A 136 -33.93 -36.05 -13.70
N LEU A 137 -34.12 -35.38 -12.55
CA LEU A 137 -33.54 -35.87 -11.30
C LEU A 137 -34.09 -37.24 -10.93
N ASP A 138 -35.41 -37.39 -10.96
CA ASP A 138 -36.05 -38.63 -10.53
C ASP A 138 -36.77 -39.35 -11.68
N HIS B 8 12.70 -13.29 27.27
CA HIS B 8 11.51 -12.44 27.38
C HIS B 8 11.66 -11.15 26.55
N MET B 9 11.82 -11.29 25.23
CA MET B 9 11.73 -10.19 24.29
C MET B 9 10.66 -10.47 23.25
N SER B 10 10.11 -9.42 22.67
CA SER B 10 9.22 -9.60 21.54
C SER B 10 10.02 -10.10 20.34
N THR B 11 9.36 -10.91 19.51
CA THR B 11 9.94 -11.47 18.30
C THR B 11 8.99 -11.13 17.16
N PRO B 12 9.39 -11.40 15.91
CA PRO B 12 8.43 -11.24 14.82
C PRO B 12 7.24 -12.17 14.95
N GLN B 13 7.34 -13.25 15.74
CA GLN B 13 6.23 -14.16 15.93
C GLN B 13 5.35 -13.83 17.14
N LEU B 14 5.86 -13.10 18.12
CA LEU B 14 5.10 -12.90 19.35
C LEU B 14 5.48 -11.56 19.96
N MET B 15 4.53 -10.63 20.02
CA MET B 15 4.76 -9.29 20.55
C MET B 15 4.18 -9.17 21.95
N ARG B 16 4.98 -8.62 22.87
CA ARG B 16 4.55 -8.41 24.24
C ARG B 16 3.77 -7.11 24.36
N VAL B 17 2.65 -7.14 25.09
CA VAL B 17 1.85 -5.96 25.32
CA VAL B 17 1.79 -6.00 25.30
C VAL B 17 1.46 -5.92 26.79
N LYS B 18 1.28 -4.70 27.31
CA LYS B 18 0.88 -4.48 28.70
C LYS B 18 -0.31 -3.53 28.73
N LYS B 19 -1.32 -3.86 29.55
CA LYS B 19 -2.44 -2.95 29.75
C LYS B 19 -2.07 -1.94 30.81
N LEU B 20 -2.30 -0.66 30.52
CA LEU B 20 -2.01 0.39 31.50
C LEU B 20 -3.23 0.75 32.33
N SER B 21 -4.41 0.24 31.98
CA SER B 21 -5.63 0.46 32.75
C SER B 21 -6.62 -0.65 32.41
N GLU B 22 -7.70 -0.69 33.19
CA GLU B 22 -8.77 -1.65 32.94
C GLU B 22 -9.51 -1.35 31.65
N PHE B 23 -9.35 -0.15 31.09
CA PHE B 23 -10.06 0.24 29.89
C PHE B 23 -9.36 -0.17 28.61
N ALA B 24 -8.13 -0.68 28.72
CA ALA B 24 -7.38 -1.07 27.53
C ALA B 24 -7.91 -2.38 26.94
N ILE B 25 -7.79 -2.50 25.62
CA ILE B 25 -8.25 -3.66 24.88
C ILE B 25 -7.07 -4.24 24.10
N LEU B 26 -6.84 -5.55 24.21
CA LEU B 26 -5.69 -6.14 23.53
C LEU B 26 -5.78 -5.87 22.03
N PRO B 27 -4.64 -5.65 21.36
CA PRO B 27 -4.65 -5.63 19.89
C PRO B 27 -5.11 -6.96 19.34
N VAL B 28 -5.90 -6.91 18.26
CA VAL B 28 -6.41 -8.12 17.62
CA VAL B 28 -6.48 -8.10 17.63
C VAL B 28 -6.38 -7.94 16.11
N ARG B 29 -5.86 -8.95 15.42
CA ARG B 29 -5.74 -8.88 13.97
C ARG B 29 -7.05 -9.35 13.35
N SER B 30 -7.61 -8.54 12.46
CA SER B 30 -9.01 -8.77 12.06
C SER B 30 -9.20 -9.93 11.09
N SER B 31 -8.14 -10.40 10.43
CA SER B 31 -8.24 -11.57 9.56
C SER B 31 -6.89 -12.29 9.60
N GLN B 32 -6.79 -13.41 8.87
CA GLN B 32 -5.56 -14.22 8.96
C GLN B 32 -4.33 -13.42 8.53
N PHE B 33 -4.47 -12.61 7.48
CA PHE B 33 -3.34 -11.86 6.94
C PHE B 33 -3.57 -10.35 6.96
N ALA B 34 -4.50 -9.85 7.78
CA ALA B 34 -4.65 -8.41 7.95
C ALA B 34 -3.32 -7.78 8.33
N ALA B 35 -2.97 -6.69 7.65
CA ALA B 35 -1.65 -6.11 7.86
C ALA B 35 -1.48 -5.56 9.27
N GLY B 36 -2.55 -5.10 9.90
CA GLY B 36 -2.43 -4.46 11.20
C GLY B 36 -3.34 -5.10 12.24
N PHE B 37 -2.96 -4.90 13.51
CA PHE B 37 -3.88 -5.13 14.63
C PHE B 37 -4.89 -3.99 14.68
N ASP B 38 -6.14 -4.31 15.01
CA ASP B 38 -7.11 -3.27 15.37
C ASP B 38 -6.73 -2.64 16.72
N LEU B 39 -6.75 -1.31 16.77
CA LEU B 39 -6.57 -0.54 18.00
C LEU B 39 -7.89 0.10 18.40
N ALA B 40 -8.20 0.06 19.70
CA ALA B 40 -9.46 0.59 20.22
C ALA B 40 -9.21 1.72 21.21
N SER B 41 -10.13 2.67 21.23
CA SER B 41 -10.06 3.77 22.19
C SER B 41 -10.38 3.31 23.61
N ALA B 42 -9.60 3.80 24.57
CA ALA B 42 -9.84 3.54 25.98
C ALA B 42 -10.81 4.55 26.61
N TYR B 43 -11.21 5.59 25.87
CA TYR B 43 -12.04 6.66 26.43
C TYR B 43 -13.00 7.16 25.36
N ASP B 44 -14.00 7.92 25.82
CA ASP B 44 -14.85 8.68 24.92
C ASP B 44 -14.07 9.89 24.42
N TYR B 45 -14.20 10.20 23.14
CA TYR B 45 -13.57 11.37 22.57
C TYR B 45 -14.48 11.97 21.51
N VAL B 46 -14.23 13.23 21.20
CA VAL B 46 -14.78 13.87 20.01
C VAL B 46 -13.61 14.45 19.23
N VAL B 47 -13.50 14.08 17.95
CA VAL B 47 -12.52 14.67 17.05
C VAL B 47 -13.21 15.83 16.33
N PRO B 48 -12.88 17.09 16.64
CA PRO B 48 -13.64 18.20 16.06
C PRO B 48 -13.48 18.26 14.55
N ALA B 49 -14.50 18.81 13.90
CA ALA B 49 -14.46 19.06 12.47
C ALA B 49 -13.22 19.87 12.10
N ARG B 50 -12.54 19.43 11.04
CA ARG B 50 -11.32 20.08 10.57
C ARG B 50 -10.26 20.13 11.68
N GLY B 51 -10.30 19.18 12.59
CA GLY B 51 -9.41 19.19 13.75
C GLY B 51 -8.75 17.87 14.05
N LYS B 52 -8.24 17.71 15.28
CA LYS B 52 -7.42 16.57 15.64
C LYS B 52 -7.69 16.16 17.08
N CYS B 53 -7.25 14.95 17.43
CA CYS B 53 -7.45 14.44 18.78
C CYS B 53 -6.52 13.24 19.00
N LEU B 54 -5.80 13.26 20.11
CA LEU B 54 -4.90 12.18 20.48
C LEU B 54 -5.68 11.16 21.30
N VAL B 55 -5.86 9.97 20.75
CA VAL B 55 -6.72 8.93 21.34
C VAL B 55 -5.83 7.95 22.08
N LYS B 56 -6.05 7.79 23.39
CA LYS B 56 -5.27 6.83 24.15
C LYS B 56 -5.84 5.42 24.03
N THR B 57 -4.96 4.45 23.80
CA THR B 57 -5.33 3.04 23.94
C THR B 57 -5.13 2.50 25.33
N ASP B 58 -4.29 3.15 26.16
CA ASP B 58 -3.89 2.65 27.48
C ASP B 58 -3.16 1.31 27.37
N LEU B 59 -2.55 1.06 26.21
CA LEU B 59 -1.62 -0.03 26.00
C LEU B 59 -0.19 0.49 25.98
N ALA B 60 0.72 -0.30 26.52
CA ALA B 60 2.14 -0.18 26.21
C ALA B 60 2.56 -1.43 25.45
N VAL B 61 3.37 -1.24 24.40
CA VAL B 61 3.75 -2.34 23.50
C VAL B 61 5.27 -2.37 23.36
N ALA B 62 5.77 -3.56 23.01
CA ALA B 62 7.20 -3.75 22.73
C ALA B 62 7.32 -4.30 21.31
N VAL B 63 7.38 -3.40 20.35
CA VAL B 63 7.56 -3.82 18.95
C VAL B 63 8.90 -4.52 18.82
N PRO B 64 9.02 -5.65 18.11
CA PRO B 64 10.31 -6.37 18.06
C PRO B 64 11.38 -5.54 17.35
N HIS B 65 12.62 -5.69 17.82
CA HIS B 65 13.77 -5.05 17.18
C HIS B 65 13.87 -5.49 15.71
N GLY B 66 14.28 -4.55 14.84
CA GLY B 66 14.30 -4.76 13.41
C GLY B 66 13.02 -4.35 12.70
N TYR B 67 12.06 -3.84 13.45
CA TYR B 67 10.75 -3.43 12.96
C TYR B 67 10.43 -2.09 13.59
N TYR B 68 9.36 -1.45 13.12
CA TYR B 68 8.70 -0.43 13.90
C TYR B 68 7.20 -0.63 13.76
N GLY B 69 6.45 0.00 14.66
CA GLY B 69 5.01 -0.10 14.65
C GLY B 69 4.42 1.15 14.00
N ARG B 70 3.68 0.94 12.92
CA ARG B 70 3.05 2.06 12.24
C ARG B 70 1.58 2.09 12.60
N VAL B 71 1.16 3.15 13.30
CA VAL B 71 -0.26 3.39 13.49
C VAL B 71 -0.81 3.87 12.15
N ALA B 72 -1.82 3.18 11.63
CA ALA B 72 -2.28 3.40 10.27
C ALA B 72 -3.79 3.48 10.25
N PRO B 73 -4.36 4.08 9.22
CA PRO B 73 -5.81 4.36 9.24
C PRO B 73 -6.64 3.13 8.92
N ARG B 74 -7.80 3.07 9.58
CA ARG B 74 -8.86 2.15 9.15
CA ARG B 74 -8.86 2.16 9.15
C ARG B 74 -9.48 2.69 7.87
N SER B 75 -9.66 1.81 6.88
CA SER B 75 -10.15 2.28 5.59
C SER B 75 -11.57 2.83 5.70
N GLY B 76 -12.42 2.19 6.49
CA GLY B 76 -13.83 2.59 6.55
C GLY B 76 -14.01 3.99 7.09
N LEU B 77 -13.30 4.33 8.17
CA LEU B 77 -13.39 5.67 8.75
C LEU B 77 -12.82 6.73 7.81
N ALA B 78 -11.80 6.38 7.03
CA ALA B 78 -11.27 7.30 6.03
C ALA B 78 -12.28 7.57 4.93
N VAL B 79 -12.78 6.50 4.29
CA VAL B 79 -13.70 6.64 3.17
C VAL B 79 -15.00 7.30 3.60
N LYS B 80 -15.55 6.88 4.73
CA LYS B 80 -16.87 7.35 5.11
C LYS B 80 -16.82 8.64 5.93
N ASN B 81 -15.84 8.78 6.82
CA ASN B 81 -15.83 9.89 7.76
C ASN B 81 -14.65 10.84 7.60
N PHE B 82 -13.81 10.66 6.58
CA PHE B 82 -12.73 11.61 6.29
C PHE B 82 -11.70 11.61 7.42
N ILE B 83 -11.51 10.46 8.08
CA ILE B 83 -10.59 10.35 9.21
C ILE B 83 -9.24 9.86 8.69
N ASP B 84 -8.18 10.49 9.19
CA ASP B 84 -6.82 10.10 8.85
C ASP B 84 -6.00 9.99 10.14
N VAL B 85 -4.82 9.38 10.03
CA VAL B 85 -3.92 9.15 11.16
C VAL B 85 -2.67 9.97 10.95
N GLY B 86 -2.34 10.83 11.92
CA GLY B 86 -1.08 11.56 11.90
C GLY B 86 -0.05 10.87 12.77
N ALA B 87 1.16 11.42 12.77
CA ALA B 87 2.27 10.87 13.58
C ALA B 87 2.36 9.37 13.27
N GLY B 88 2.43 8.51 14.28
CA GLY B 88 2.22 7.09 14.06
C GLY B 88 3.45 6.24 13.93
N VAL B 89 4.65 6.80 14.07
CA VAL B 89 5.87 6.01 14.04
C VAL B 89 6.19 5.59 15.46
N VAL B 90 6.02 4.30 15.77
CA VAL B 90 6.27 3.79 17.12
C VAL B 90 7.57 2.99 17.11
N ASP B 91 8.61 3.55 17.75
CA ASP B 91 9.91 2.90 17.85
C ASP B 91 9.81 1.62 18.65
N SER B 92 10.71 0.67 18.37
CA SER B 92 10.67 -0.60 19.08
C SER B 92 11.00 -0.46 20.56
N ASP B 93 11.67 0.63 20.96
CA ASP B 93 11.94 0.87 22.37
C ASP B 93 10.91 1.77 23.04
N TYR B 94 9.84 2.17 22.35
CA TYR B 94 8.88 3.07 22.96
C TYR B 94 8.08 2.33 24.02
N ARG B 95 8.07 2.86 25.25
CA ARG B 95 7.35 2.24 26.36
C ARG B 95 6.23 3.13 26.91
N GLY B 96 5.85 4.18 26.20
CA GLY B 96 4.75 5.03 26.65
C GLY B 96 3.39 4.45 26.27
N ASN B 97 2.35 5.19 26.66
CA ASN B 97 0.98 4.87 26.28
C ASN B 97 0.84 5.00 24.77
N LEU B 98 0.41 3.92 24.11
CA LEU B 98 0.25 3.95 22.66
C LEU B 98 -0.95 4.81 22.29
N GLY B 99 -0.67 5.97 21.70
CA GLY B 99 -1.72 6.90 21.33
C GLY B 99 -1.98 6.89 19.83
N VAL B 100 -3.17 7.28 19.42
CA VAL B 100 -3.53 7.38 18.01
C VAL B 100 -3.90 8.83 17.75
N LEU B 101 -3.14 9.50 16.90
CA LEU B 101 -3.43 10.89 16.54
C LEU B 101 -4.35 10.89 15.33
N LEU B 102 -5.60 11.29 15.53
CA LEU B 102 -6.60 11.27 14.48
C LEU B 102 -6.81 12.68 13.92
N PHE B 103 -6.81 12.78 12.59
CA PHE B 103 -7.19 14.00 11.89
C PHE B 103 -8.59 13.79 11.31
N ASN B 104 -9.47 14.76 11.56
CA ASN B 104 -10.83 14.76 11.01
C ASN B 104 -10.90 15.88 9.99
N HIS B 105 -10.84 15.52 8.71
CA HIS B 105 -10.92 16.51 7.63
C HIS B 105 -12.35 16.82 7.23
N GLY B 106 -13.35 16.17 7.82
CA GLY B 106 -14.73 16.44 7.47
C GLY B 106 -15.23 17.72 8.09
N ASP B 107 -16.48 18.06 7.77
CA ASP B 107 -17.14 19.24 8.29
C ASP B 107 -17.98 18.98 9.52
N GLU B 108 -18.02 17.74 10.01
CA GLU B 108 -18.80 17.42 11.21
C GLU B 108 -17.90 16.70 12.20
N ASP B 109 -18.13 16.98 13.49
CA ASP B 109 -17.39 16.31 14.55
C ASP B 109 -17.52 14.80 14.40
N PHE B 110 -16.49 14.09 14.86
CA PHE B 110 -16.48 12.63 14.83
C PHE B 110 -16.45 12.10 16.25
N LYS B 111 -17.51 11.39 16.64
CA LYS B 111 -17.67 10.92 18.00
C LYS B 111 -17.02 9.55 18.18
N ILE B 112 -16.30 9.38 19.27
CA ILE B 112 -15.63 8.13 19.61
C ILE B 112 -16.13 7.67 20.96
N ALA B 113 -16.63 6.45 21.03
CA ALA B 113 -17.01 5.85 22.29
C ALA B 113 -15.89 4.93 22.78
N ARG B 114 -15.75 4.82 24.09
CA ARG B 114 -14.83 3.83 24.66
C ARG B 114 -15.09 2.48 24.02
N GLY B 115 -14.03 1.86 23.50
CA GLY B 115 -14.15 0.57 22.86
C GLY B 115 -14.22 0.60 21.34
N ASP B 116 -14.50 1.76 20.74
CA ASP B 116 -14.52 1.86 19.28
C ASP B 116 -13.13 1.58 18.71
N ARG B 117 -13.08 0.75 17.68
CA ARG B 117 -11.82 0.47 17.00
C ARG B 117 -11.57 1.58 15.99
N ILE B 118 -10.46 2.30 16.12
CA ILE B 118 -10.30 3.57 15.42
C ILE B 118 -8.98 3.69 14.67
N ALA B 119 -8.16 2.65 14.64
CA ALA B 119 -6.93 2.65 13.85
C ALA B 119 -6.44 1.22 13.79
N GLN B 120 -5.32 1.01 13.10
CA GLN B 120 -4.66 -0.29 13.06
C GLN B 120 -3.17 -0.09 13.26
N PHE B 121 -2.47 -1.19 13.48
CA PHE B 121 -1.08 -1.16 13.96
C PHE B 121 -0.29 -2.21 13.18
N VAL B 122 0.57 -1.74 12.28
CA VAL B 122 1.29 -2.59 11.34
C VAL B 122 2.73 -2.72 11.82
N ILE B 123 3.26 -3.94 11.87
CA ILE B 123 4.64 -4.19 12.30
C ILE B 123 5.50 -4.24 11.04
N GLU B 124 6.08 -3.08 10.70
CA GLU B 124 6.80 -2.90 9.44
CA GLU B 124 6.81 -2.86 9.45
C GLU B 124 8.27 -3.25 9.60
N GLN B 125 8.80 -4.04 8.65
CA GLN B 125 10.18 -4.47 8.69
C GLN B 125 11.08 -3.40 8.07
N ILE B 126 12.20 -3.11 8.74
CA ILE B 126 13.05 -2.01 8.35
C ILE B 126 14.51 -2.42 8.45
N ALA B 127 15.35 -1.67 7.73
CA ALA B 127 16.79 -1.67 7.95
C ALA B 127 17.15 -0.57 8.94
N LEU B 128 18.27 -0.76 9.64
CA LEU B 128 18.78 0.24 10.59
C LEU B 128 20.22 0.60 10.25
N PRO B 129 20.46 1.16 9.06
CA PRO B 129 21.84 1.43 8.65
C PRO B 129 22.47 2.55 9.46
N ASP B 130 23.79 2.46 9.60
CA ASP B 130 24.58 3.64 9.89
C ASP B 130 24.66 4.52 8.64
N ILE B 131 25.17 5.73 8.84
CA ILE B 131 25.40 6.70 7.76
C ILE B 131 26.89 6.76 7.50
N VAL B 132 27.27 6.91 6.24
CA VAL B 132 28.63 7.34 5.89
C VAL B 132 28.51 8.49 4.88
N GLU B 133 29.14 9.61 5.19
CA GLU B 133 29.13 10.75 4.28
C GLU B 133 30.15 10.53 3.18
N VAL B 134 29.77 10.86 1.95
CA VAL B 134 30.62 10.65 0.78
C VAL B 134 30.52 11.87 -0.13
N ASP B 135 31.48 11.96 -1.04
CA ASP B 135 31.48 13.02 -2.05
C ASP B 135 30.73 12.63 -3.31
N ASP B 136 30.72 11.35 -3.66
CA ASP B 136 30.03 10.85 -4.85
C ASP B 136 29.17 9.66 -4.44
N LEU B 137 27.85 9.78 -4.61
CA LEU B 137 26.96 8.70 -4.18
C LEU B 137 27.16 7.45 -5.04
N ASP B 138 27.35 7.61 -6.35
CA ASP B 138 27.52 6.50 -7.27
C ASP B 138 28.88 6.60 -7.95
N GLU B 139 29.93 6.28 -7.20
CA GLU B 139 31.27 6.22 -7.79
C GLU B 139 32.03 5.00 -7.26
N HIS C 8 1.10 -20.74 -8.42
CA HIS C 8 -0.28 -20.76 -7.91
C HIS C 8 -0.60 -19.54 -7.04
N MET C 9 0.29 -19.20 -6.11
CA MET C 9 0.11 -18.07 -5.22
C MET C 9 1.13 -16.98 -5.52
N SER C 10 0.81 -15.76 -5.09
CA SER C 10 1.73 -14.65 -5.27
C SER C 10 2.99 -14.87 -4.43
N THR C 11 4.14 -14.48 -4.99
CA THR C 11 5.40 -14.56 -4.28
C THR C 11 6.02 -13.18 -4.23
N PRO C 12 7.11 -12.96 -3.48
CA PRO C 12 7.81 -11.67 -3.58
C PRO C 12 8.33 -11.38 -4.97
N GLN C 13 8.43 -12.38 -5.84
CA GLN C 13 8.94 -12.18 -7.19
C GLN C 13 7.84 -12.02 -8.23
N LEU C 14 6.60 -12.41 -7.92
CA LEU C 14 5.56 -12.47 -8.93
C LEU C 14 4.21 -12.29 -8.25
N MET C 15 3.56 -11.16 -8.49
CA MET C 15 2.28 -10.82 -7.87
C MET C 15 1.14 -11.02 -8.86
N ARG C 16 0.12 -11.78 -8.46
CA ARG C 16 -1.04 -12.03 -9.28
C ARG C 16 -2.01 -10.85 -9.23
N VAL C 17 -2.53 -10.47 -10.40
CA VAL C 17 -3.45 -9.34 -10.55
C VAL C 17 -4.55 -9.75 -11.54
N LYS C 18 -5.79 -9.39 -11.23
CA LYS C 18 -6.94 -9.66 -12.08
C LYS C 18 -7.58 -8.35 -12.50
N LYS C 19 -7.90 -8.23 -13.79
CA LYS C 19 -8.60 -7.06 -14.30
C LYS C 19 -10.10 -7.20 -14.09
N LEU C 20 -10.73 -6.19 -13.51
CA LEU C 20 -12.16 -6.24 -13.27
C LEU C 20 -12.99 -5.56 -14.37
N SER C 21 -12.34 -4.83 -15.28
CA SER C 21 -13.02 -4.31 -16.47
C SER C 21 -11.96 -4.08 -17.54
N GLU C 22 -12.44 -3.75 -18.74
CA GLU C 22 -11.56 -3.42 -19.85
C GLU C 22 -10.82 -2.11 -19.65
N PHE C 23 -11.24 -1.27 -18.69
CA PHE C 23 -10.59 0.01 -18.46
C PHE C 23 -9.35 -0.12 -17.59
N ALA C 24 -9.22 -1.22 -16.86
CA ALA C 24 -8.11 -1.39 -15.94
C ALA C 24 -6.78 -1.40 -16.69
N ILE C 25 -5.75 -0.92 -16.01
CA ILE C 25 -4.37 -0.92 -16.50
C ILE C 25 -3.53 -1.62 -15.44
N LEU C 26 -2.75 -2.61 -15.87
CA LEU C 26 -1.98 -3.39 -14.90
C LEU C 26 -1.01 -2.48 -14.15
N PRO C 27 -0.77 -2.74 -12.87
CA PRO C 27 0.29 -2.00 -12.17
C PRO C 27 1.62 -2.18 -12.89
N VAL C 28 2.40 -1.11 -12.98
CA VAL C 28 3.69 -1.16 -13.67
C VAL C 28 4.72 -0.32 -12.93
N ARG C 29 5.92 -0.88 -12.76
CA ARG C 29 7.02 -0.22 -12.07
C ARG C 29 7.81 0.62 -13.07
N SER C 30 8.07 1.89 -12.71
CA SER C 30 8.67 2.82 -13.68
C SER C 30 10.15 2.52 -13.92
N SER C 31 10.88 2.03 -12.93
CA SER C 31 12.28 1.66 -13.11
C SER C 31 12.58 0.42 -12.29
N GLN C 32 13.81 -0.08 -12.43
CA GLN C 32 14.18 -1.38 -11.88
C GLN C 32 13.96 -1.46 -10.36
N PHE C 33 14.40 -0.44 -9.63
CA PHE C 33 14.30 -0.48 -8.16
C PHE C 33 13.30 0.54 -7.61
N ALA C 34 12.44 1.09 -8.45
CA ALA C 34 11.40 1.99 -7.97
C ALA C 34 10.55 1.31 -6.91
N ALA C 35 10.21 2.07 -5.87
CA ALA C 35 9.53 1.50 -4.72
C ALA C 35 8.16 0.95 -5.07
N GLY C 36 7.43 1.61 -5.98
CA GLY C 36 6.02 1.33 -6.16
C GLY C 36 5.65 1.15 -7.62
N PHE C 37 4.54 0.43 -7.83
CA PHE C 37 3.84 0.37 -9.10
C PHE C 37 2.98 1.62 -9.29
N ASP C 38 2.92 2.13 -10.51
CA ASP C 38 1.94 3.15 -10.84
C ASP C 38 0.54 2.56 -10.88
N LEU C 39 -0.42 3.28 -10.29
CA LEU C 39 -1.83 2.93 -10.32
C LEU C 39 -2.60 3.98 -11.11
N ALA C 40 -3.49 3.53 -11.99
CA ALA C 40 -4.23 4.42 -12.88
C ALA C 40 -5.72 4.34 -12.59
N SER C 41 -6.42 5.45 -12.80
CA SER C 41 -7.85 5.49 -12.59
C SER C 41 -8.59 4.75 -13.71
N ALA C 42 -9.60 3.98 -13.33
CA ALA C 42 -10.46 3.32 -14.29
C ALA C 42 -11.62 4.20 -14.76
N TYR C 43 -11.82 5.38 -14.16
CA TYR C 43 -12.96 6.23 -14.49
C TYR C 43 -12.57 7.70 -14.43
N ASP C 44 -13.45 8.55 -14.96
CA ASP C 44 -13.32 9.98 -14.80
C ASP C 44 -13.80 10.37 -13.41
N TYR C 45 -13.06 11.25 -12.74
CA TYR C 45 -13.44 11.74 -11.42
C TYR C 45 -13.04 13.20 -11.27
N VAL C 46 -13.62 13.85 -10.27
CA VAL C 46 -13.17 15.14 -9.79
C VAL C 46 -13.02 15.05 -8.27
N VAL C 47 -11.83 15.34 -7.76
CA VAL C 47 -11.60 15.43 -6.33
C VAL C 47 -11.89 16.86 -5.90
N PRO C 48 -12.96 17.11 -5.15
CA PRO C 48 -13.32 18.49 -4.83
C PRO C 48 -12.27 19.15 -3.95
N ALA C 49 -12.09 20.46 -4.16
CA ALA C 49 -11.24 21.25 -3.29
C ALA C 49 -11.59 20.99 -1.83
N ARG C 50 -10.56 20.75 -1.01
CA ARG C 50 -10.73 20.47 0.41
C ARG C 50 -11.58 19.23 0.66
N GLY C 51 -11.68 18.35 -0.34
CA GLY C 51 -12.57 17.20 -0.26
C GLY C 51 -11.85 15.90 -0.54
N LYS C 52 -12.59 14.84 -0.85
CA LYS C 52 -12.01 13.52 -1.02
C LYS C 52 -12.74 12.78 -2.12
N CYS C 53 -12.10 11.71 -2.62
CA CYS C 53 -12.69 10.91 -3.70
C CYS C 53 -12.08 9.52 -3.67
N LEU C 54 -12.94 8.49 -3.77
CA LEU C 54 -12.48 7.10 -3.87
C LEU C 54 -12.40 6.73 -5.34
N VAL C 55 -11.18 6.47 -5.82
CA VAL C 55 -10.90 6.16 -7.21
C VAL C 55 -10.77 4.65 -7.38
N LYS C 56 -11.58 4.07 -8.26
CA LYS C 56 -11.47 2.65 -8.58
C LYS C 56 -10.39 2.43 -9.64
N THR C 57 -9.52 1.44 -9.41
CA THR C 57 -8.59 0.99 -10.44
C THR C 57 -9.18 -0.14 -11.28
N ASP C 58 -10.24 -0.78 -10.79
CA ASP C 58 -10.81 -1.97 -11.40
C ASP C 58 -9.78 -3.09 -11.51
N LEU C 59 -8.85 -3.14 -10.56
CA LEU C 59 -7.95 -4.25 -10.33
C LEU C 59 -8.30 -4.98 -9.03
N ALA C 60 -8.21 -6.30 -9.05
CA ALA C 60 -8.10 -7.06 -7.81
C ALA C 60 -6.68 -7.62 -7.74
N VAL C 61 -6.04 -7.51 -6.57
CA VAL C 61 -4.65 -7.90 -6.45
C VAL C 61 -4.52 -8.91 -5.31
N ALA C 62 -3.54 -9.79 -5.44
CA ALA C 62 -3.16 -10.73 -4.39
C ALA C 62 -1.74 -10.37 -3.95
N VAL C 63 -1.62 -9.43 -3.01
CA VAL C 63 -0.31 -9.13 -2.44
C VAL C 63 0.27 -10.40 -1.81
N PRO C 64 1.56 -10.72 -1.98
CA PRO C 64 2.09 -11.95 -1.37
C PRO C 64 1.99 -11.90 0.15
N HIS C 65 1.72 -13.05 0.76
CA HIS C 65 1.68 -13.11 2.22
C HIS C 65 3.05 -12.83 2.81
N GLY C 66 3.06 -12.21 3.99
CA GLY C 66 4.29 -11.68 4.56
C GLY C 66 4.49 -10.21 4.25
N TYR C 67 3.61 -9.61 3.46
CA TYR C 67 3.70 -8.23 2.99
C TYR C 67 2.31 -7.64 3.06
N TYR C 68 2.21 -6.31 2.87
CA TYR C 68 0.95 -5.71 2.47
C TYR C 68 1.22 -4.69 1.38
N GLY C 69 0.15 -4.27 0.72
CA GLY C 69 0.24 -3.28 -0.33
C GLY C 69 -0.15 -1.92 0.23
N ARG C 70 0.78 -0.99 0.17
CA ARG C 70 0.50 0.36 0.64
C ARG C 70 0.22 1.25 -0.57
N VAL C 71 -1.01 1.74 -0.65
CA VAL C 71 -1.31 2.80 -1.62
C VAL C 71 -0.65 4.07 -1.12
N ALA C 72 0.19 4.67 -1.95
CA ALA C 72 1.03 5.77 -1.51
C ALA C 72 1.00 6.89 -2.54
N PRO C 73 1.26 8.13 -2.12
CA PRO C 73 1.07 9.26 -3.03
C PRO C 73 2.16 9.35 -4.08
N ARG C 74 1.78 9.85 -5.25
N ARG C 74 1.78 9.85 -5.25
CA ARG C 74 2.77 10.26 -6.23
CA ARG C 74 2.75 10.29 -6.23
C ARG C 74 3.31 11.62 -5.82
C ARG C 74 3.31 11.63 -5.80
N SER C 75 4.64 11.78 -5.90
CA SER C 75 5.28 12.99 -5.40
C SER C 75 4.86 14.22 -6.20
N GLY C 76 4.73 14.09 -7.52
CA GLY C 76 4.38 15.24 -8.32
C GLY C 76 3.00 15.80 -7.99
N LEU C 77 2.01 14.92 -7.83
CA LEU C 77 0.66 15.37 -7.49
C LEU C 77 0.60 15.96 -6.09
N ALA C 78 1.37 15.43 -5.15
CA ALA C 78 1.45 16.01 -3.82
C ALA C 78 2.03 17.42 -3.88
N VAL C 79 3.21 17.57 -4.48
CA VAL C 79 3.92 18.84 -4.44
C VAL C 79 3.19 19.90 -5.27
N LYS C 80 2.70 19.51 -6.45
CA LYS C 80 2.10 20.47 -7.36
C LYS C 80 0.62 20.67 -7.11
N ASN C 81 -0.10 19.63 -6.69
CA ASN C 81 -1.55 19.69 -6.63
C ASN C 81 -2.13 19.47 -5.24
N PHE C 82 -1.31 19.33 -4.20
CA PHE C 82 -1.82 19.21 -2.82
C PHE C 82 -2.64 17.93 -2.62
N ILE C 83 -2.32 16.87 -3.37
CA ILE C 83 -3.05 15.61 -3.32
C ILE C 83 -2.35 14.68 -2.35
N ASP C 84 -3.13 14.04 -1.49
CA ASP C 84 -2.59 13.06 -0.55
C ASP C 84 -3.44 11.81 -0.64
N VAL C 85 -2.94 10.72 -0.06
CA VAL C 85 -3.62 9.43 -0.10
C VAL C 85 -4.09 9.10 1.31
N GLY C 86 -5.38 8.80 1.45
CA GLY C 86 -5.92 8.31 2.70
C GLY C 86 -6.03 6.80 2.67
N ALA C 87 -6.43 6.23 3.82
CA ALA C 87 -6.64 4.77 3.93
C ALA C 87 -5.35 4.11 3.42
N GLY C 88 -5.42 3.17 2.48
CA GLY C 88 -4.24 2.72 1.77
C GLY C 88 -3.61 1.44 2.25
N VAL C 89 -4.11 0.81 3.31
CA VAL C 89 -3.58 -0.46 3.79
C VAL C 89 -4.32 -1.58 3.07
N VAL C 90 -3.66 -2.22 2.10
CA VAL C 90 -4.25 -3.30 1.32
C VAL C 90 -3.69 -4.63 1.84
N ASP C 91 -4.53 -5.40 2.51
CA ASP C 91 -4.09 -6.64 3.13
C ASP C 91 -3.79 -7.69 2.07
N SER C 92 -2.88 -8.62 2.40
CA SER C 92 -2.58 -9.67 1.45
C SER C 92 -3.74 -10.64 1.27
N ASP C 93 -4.75 -10.61 2.15
CA ASP C 93 -5.95 -11.40 1.92
C ASP C 93 -7.15 -10.56 1.48
N TYR C 94 -6.92 -9.32 1.06
CA TYR C 94 -7.97 -8.50 0.47
C TYR C 94 -8.15 -8.87 -1.00
N ARG C 95 -9.41 -9.08 -1.41
CA ARG C 95 -9.71 -9.55 -2.76
C ARG C 95 -10.75 -8.70 -3.47
N GLY C 96 -11.06 -7.50 -2.99
CA GLY C 96 -11.98 -6.61 -3.67
C GLY C 96 -11.29 -5.71 -4.69
N ASN C 97 -12.08 -4.78 -5.22
CA ASN C 97 -11.58 -3.75 -6.15
C ASN C 97 -10.56 -2.87 -5.45
N LEU C 98 -9.38 -2.74 -6.04
CA LEU C 98 -8.34 -1.90 -5.44
C LEU C 98 -8.71 -0.44 -5.65
N GLY C 99 -9.10 0.23 -4.57
CA GLY C 99 -9.49 1.62 -4.61
C GLY C 99 -8.41 2.52 -4.05
N VAL C 100 -8.38 3.76 -4.54
CA VAL C 100 -7.42 4.77 -4.11
C VAL C 100 -8.21 5.93 -3.52
N LEU C 101 -8.05 6.18 -2.23
CA LEU C 101 -8.76 7.25 -1.55
C LEU C 101 -7.88 8.49 -1.60
N LEU C 102 -8.33 9.52 -2.32
CA LEU C 102 -7.55 10.74 -2.51
C LEU C 102 -8.15 11.87 -1.68
N PHE C 103 -7.29 12.58 -0.96
CA PHE C 103 -7.64 13.85 -0.33
C PHE C 103 -7.07 14.99 -1.16
N ASN C 104 -7.89 15.99 -1.45
CA ASN C 104 -7.45 17.19 -2.16
C ASN C 104 -7.40 18.32 -1.15
N HIS C 105 -6.21 18.61 -0.64
CA HIS C 105 -6.08 19.70 0.31
C HIS C 105 -5.95 21.07 -0.34
N GLY C 106 -6.06 21.15 -1.66
CA GLY C 106 -5.98 22.43 -2.33
C GLY C 106 -7.32 23.14 -2.38
N ASP C 107 -7.29 24.37 -2.86
CA ASP C 107 -8.47 25.21 -2.98
C ASP C 107 -9.11 25.13 -4.36
N GLU C 108 -8.65 24.25 -5.23
CA GLU C 108 -9.28 24.03 -6.53
C GLU C 108 -9.51 22.54 -6.73
N ASP C 109 -10.58 22.22 -7.47
CA ASP C 109 -10.86 20.84 -7.81
C ASP C 109 -9.71 20.25 -8.60
N PHE C 110 -9.53 18.94 -8.47
CA PHE C 110 -8.50 18.20 -9.18
C PHE C 110 -9.18 17.23 -10.14
N LYS C 111 -8.95 17.44 -11.44
CA LYS C 111 -9.58 16.60 -12.46
C LYS C 111 -8.81 15.30 -12.66
N ILE C 112 -9.54 14.20 -12.78
CA ILE C 112 -8.98 12.89 -13.06
C ILE C 112 -9.67 12.32 -14.30
N ALA C 113 -8.90 12.16 -15.38
CA ALA C 113 -9.40 11.47 -16.56
C ALA C 113 -9.05 9.99 -16.48
N ARG C 114 -9.96 9.15 -16.97
CA ARG C 114 -9.71 7.72 -17.06
C ARG C 114 -8.35 7.44 -17.68
N GLY C 115 -7.52 6.67 -16.98
CA GLY C 115 -6.19 6.36 -17.44
C GLY C 115 -5.09 7.16 -16.78
N ASP C 116 -5.42 8.28 -16.15
CA ASP C 116 -4.41 9.07 -15.44
C ASP C 116 -3.81 8.23 -14.31
N ARG C 117 -2.50 8.34 -14.12
CA ARG C 117 -1.85 7.75 -12.96
C ARG C 117 -2.04 8.65 -11.74
N ILE C 118 -2.58 8.09 -10.66
CA ILE C 118 -3.00 8.92 -9.53
C ILE C 118 -2.52 8.41 -8.18
N ALA C 119 -1.75 7.32 -8.15
CA ALA C 119 -1.16 6.83 -6.91
C ALA C 119 -0.05 5.83 -7.27
N GLN C 120 0.66 5.36 -6.25
CA GLN C 120 1.59 4.25 -6.43
C GLN C 120 1.30 3.20 -5.36
N PHE C 121 1.88 2.00 -5.55
CA PHE C 121 1.52 0.81 -4.78
C PHE C 121 2.81 0.11 -4.36
N VAL C 122 3.11 0.14 -3.07
CA VAL C 122 4.40 -0.32 -2.54
C VAL C 122 4.17 -1.64 -1.80
N ILE C 123 4.98 -2.66 -2.10
CA ILE C 123 4.80 -3.97 -1.46
C ILE C 123 5.72 -4.03 -0.24
N GLU C 124 5.17 -3.68 0.92
CA GLU C 124 5.93 -3.48 2.16
CA GLU C 124 5.97 -3.49 2.13
C GLU C 124 6.04 -4.78 2.94
N GLN C 125 7.26 -5.14 3.35
CA GLN C 125 7.45 -6.33 4.15
C GLN C 125 7.08 -6.08 5.60
N ILE C 126 6.40 -7.05 6.22
CA ILE C 126 5.87 -6.91 7.59
C ILE C 126 6.05 -8.22 8.33
N ALA C 127 5.97 -8.13 9.66
CA ALA C 127 5.76 -9.29 10.50
C ALA C 127 4.27 -9.40 10.83
N LEU C 128 3.83 -10.63 11.15
CA LEU C 128 2.45 -10.88 11.59
C LEU C 128 2.49 -11.56 12.96
N PRO C 129 2.96 -10.87 13.99
CA PRO C 129 3.09 -11.51 15.30
C PRO C 129 1.74 -11.76 15.96
N ASP C 130 1.73 -12.78 16.83
CA ASP C 130 0.66 -13.00 17.79
C ASP C 130 0.95 -12.14 19.03
N ILE C 131 0.07 -12.21 20.03
CA ILE C 131 0.07 -11.30 21.16
C ILE C 131 0.26 -12.09 22.45
N VAL C 132 1.04 -11.57 23.39
CA VAL C 132 1.01 -12.07 24.76
C VAL C 132 0.89 -10.88 25.70
N GLU C 133 -0.11 -10.90 26.58
CA GLU C 133 -0.23 -9.84 27.57
C GLU C 133 0.67 -10.18 28.74
N VAL C 134 1.47 -9.20 29.18
CA VAL C 134 2.42 -9.38 30.27
C VAL C 134 2.26 -8.23 31.26
N ASP C 135 2.80 -8.42 32.46
CA ASP C 135 2.79 -7.37 33.47
C ASP C 135 3.97 -6.42 33.35
N ASP C 136 5.08 -6.87 32.80
CA ASP C 136 6.25 -6.02 32.62
C ASP C 136 6.85 -6.32 31.25
N LEU C 137 6.91 -5.29 30.41
CA LEU C 137 7.34 -5.51 29.03
C LEU C 137 8.79 -5.97 28.95
N ASP C 138 9.63 -5.48 29.84
CA ASP C 138 11.07 -5.73 29.77
C ASP C 138 11.55 -6.60 30.93
N GLU C 139 10.67 -7.45 31.44
CA GLU C 139 10.97 -8.43 32.50
C GLU C 139 12.25 -9.21 32.27
N HIS D 8 31.09 0.26 -4.21
CA HIS D 8 30.77 1.26 -3.19
C HIS D 8 29.29 1.66 -3.22
N MET D 9 28.41 0.73 -2.88
CA MET D 9 26.98 1.00 -2.82
C MET D 9 26.50 0.99 -1.37
N SER D 10 25.34 1.62 -1.15
CA SER D 10 24.71 1.51 0.15
C SER D 10 24.23 0.09 0.38
N THR D 11 24.22 -0.32 1.65
CA THR D 11 23.80 -1.63 2.11
C THR D 11 22.80 -1.44 3.23
N PRO D 12 22.11 -2.51 3.65
CA PRO D 12 21.26 -2.39 4.86
C PRO D 12 22.04 -1.95 6.09
N GLN D 13 23.35 -2.16 6.13
CA GLN D 13 24.15 -1.78 7.29
C GLN D 13 24.75 -0.38 7.17
N LEU D 14 24.92 0.15 5.96
CA LEU D 14 25.67 1.39 5.77
C LEU D 14 25.10 2.14 4.57
N MET D 15 24.47 3.28 4.83
CA MET D 15 23.84 4.08 3.77
C MET D 15 24.69 5.30 3.45
N ARG D 16 25.00 5.47 2.16
CA ARG D 16 25.77 6.61 1.69
C ARG D 16 24.91 7.86 1.55
N VAL D 17 25.46 9.00 1.96
CA VAL D 17 24.76 10.28 2.01
C VAL D 17 25.74 11.37 1.58
N LYS D 18 25.24 12.33 0.81
CA LYS D 18 26.04 13.45 0.34
C LYS D 18 25.43 14.76 0.81
N LYS D 19 26.27 15.64 1.35
CA LYS D 19 25.86 17.00 1.69
C LYS D 19 25.89 17.86 0.43
N LEU D 20 24.77 18.50 0.10
CA LEU D 20 24.72 19.38 -1.06
C LEU D 20 25.08 20.83 -0.72
N SER D 21 25.09 21.18 0.56
CA SER D 21 25.51 22.51 0.98
C SER D 21 26.03 22.41 2.41
N GLU D 22 26.62 23.50 2.86
CA GLU D 22 27.13 23.62 4.22
C GLU D 22 26.01 23.76 5.26
N PHE D 23 24.77 23.91 4.84
CA PHE D 23 23.66 23.98 5.79
C PHE D 23 23.01 22.62 6.06
N ALA D 24 23.41 21.58 5.32
CA ALA D 24 22.85 20.26 5.56
C ALA D 24 23.39 19.67 6.86
N ILE D 25 22.54 18.88 7.52
CA ILE D 25 22.86 18.24 8.78
C ILE D 25 22.76 16.73 8.58
N LEU D 26 23.83 16.01 8.90
CA LEU D 26 23.81 14.56 8.71
C LEU D 26 22.64 13.94 9.46
N PRO D 27 21.94 12.99 8.86
CA PRO D 27 20.87 12.29 9.58
C PRO D 27 21.43 11.47 10.73
N VAL D 28 20.71 11.46 11.85
CA VAL D 28 21.15 10.78 13.06
CA VAL D 28 21.14 10.82 13.08
C VAL D 28 20.00 9.96 13.60
N ARG D 29 20.31 8.76 14.07
CA ARG D 29 19.32 7.88 14.68
C ARG D 29 19.37 8.04 16.19
N SER D 30 18.21 8.21 16.83
CA SER D 30 18.17 8.58 18.24
C SER D 30 18.65 7.46 19.16
N SER D 31 18.48 6.21 18.74
CA SER D 31 19.01 5.08 19.50
C SER D 31 19.20 3.93 18.53
N GLN D 32 19.76 2.83 19.03
CA GLN D 32 20.16 1.72 18.18
C GLN D 32 19.01 1.19 17.34
N PHE D 33 17.81 1.08 17.92
CA PHE D 33 16.71 0.44 17.19
C PHE D 33 15.61 1.40 16.77
N ALA D 34 15.81 2.71 16.90
CA ALA D 34 14.78 3.67 16.50
C ALA D 34 14.48 3.53 15.01
N ALA D 35 13.22 3.79 14.66
CA ALA D 35 12.78 3.53 13.29
C ALA D 35 13.51 4.39 12.26
N GLY D 36 13.72 5.67 12.55
CA GLY D 36 14.08 6.61 11.51
C GLY D 36 15.25 7.49 11.91
N PHE D 37 15.88 8.07 10.87
CA PHE D 37 16.82 9.17 11.07
C PHE D 37 16.07 10.48 11.21
N ASP D 38 16.53 11.35 12.10
CA ASP D 38 15.97 12.70 12.15
C ASP D 38 16.42 13.49 10.93
N LEU D 39 15.49 14.21 10.30
CA LEU D 39 15.78 15.09 9.17
C LEU D 39 15.64 16.55 9.58
N ALA D 40 16.66 17.37 9.28
CA ALA D 40 16.71 18.77 9.67
C ALA D 40 16.50 19.68 8.47
N SER D 41 15.76 20.77 8.68
CA SER D 41 15.59 21.78 7.64
C SER D 41 16.89 22.55 7.43
N ALA D 42 17.28 22.73 6.16
CA ALA D 42 18.48 23.49 5.85
C ALA D 42 18.23 24.97 5.71
N TYR D 43 16.97 25.42 5.77
CA TYR D 43 16.65 26.82 5.56
C TYR D 43 15.50 27.23 6.48
N ASP D 44 15.32 28.53 6.60
CA ASP D 44 14.14 29.08 7.26
C ASP D 44 12.95 28.96 6.31
N TYR D 45 11.81 28.49 6.83
CA TYR D 45 10.59 28.35 6.07
C TYR D 45 9.40 28.79 6.92
N VAL D 46 8.29 29.06 6.25
CA VAL D 46 6.99 29.23 6.90
C VAL D 46 5.99 28.36 6.15
N VAL D 47 5.32 27.47 6.88
CA VAL D 47 4.26 26.64 6.30
C VAL D 47 2.93 27.34 6.57
N PRO D 48 2.27 27.91 5.56
CA PRO D 48 1.05 28.68 5.82
C PRO D 48 -0.02 27.81 6.44
N ALA D 49 -0.89 28.44 7.23
CA ALA D 49 -2.04 27.76 7.78
C ALA D 49 -2.88 27.16 6.67
N ARG D 50 -3.36 25.94 6.88
CA ARG D 50 -4.09 25.17 5.86
C ARG D 50 -3.29 25.06 4.56
N GLY D 51 -1.97 25.20 4.63
CA GLY D 51 -1.15 25.27 3.43
C GLY D 51 -0.07 24.20 3.38
N LYS D 52 0.92 24.39 2.51
CA LYS D 52 1.96 23.38 2.34
C LYS D 52 3.29 24.04 2.02
N CYS D 53 4.37 23.28 2.20
CA CYS D 53 5.71 23.79 1.96
C CYS D 53 6.67 22.63 1.73
N LEU D 54 7.48 22.72 0.66
CA LEU D 54 8.50 21.72 0.38
C LEU D 54 9.80 22.15 1.05
N VAL D 55 10.24 21.41 2.06
CA VAL D 55 11.40 21.76 2.87
C VAL D 55 12.62 21.02 2.34
N LYS D 56 13.70 21.76 2.09
CA LYS D 56 14.92 21.16 1.59
C LYS D 56 15.84 20.76 2.74
N THR D 57 16.36 19.54 2.69
CA THR D 57 17.40 19.11 3.63
C THR D 57 18.80 19.40 3.12
N ASP D 58 18.96 19.58 1.81
CA ASP D 58 20.26 19.74 1.17
C ASP D 58 21.12 18.49 1.34
N LEU D 59 20.47 17.34 1.49
CA LEU D 59 21.09 16.03 1.47
C LEU D 59 20.69 15.31 0.20
N ALA D 60 21.64 14.56 -0.36
CA ALA D 60 21.34 13.52 -1.34
C ALA D 60 21.65 12.17 -0.72
N VAL D 61 20.76 11.20 -0.90
CA VAL D 61 20.88 9.91 -0.25
C VAL D 61 20.82 8.79 -1.29
N ALA D 62 21.44 7.67 -0.95
CA ALA D 62 21.37 6.45 -1.77
C ALA D 62 20.72 5.38 -0.89
N VAL D 63 19.40 5.28 -0.94
CA VAL D 63 18.73 4.24 -0.17
C VAL D 63 19.13 2.88 -0.75
N PRO D 64 19.48 1.89 0.07
CA PRO D 64 19.91 0.60 -0.50
C PRO D 64 18.80 -0.08 -1.29
N HIS D 65 19.22 -0.82 -2.31
CA HIS D 65 18.31 -1.63 -3.09
C HIS D 65 17.60 -2.65 -2.20
N GLY D 66 16.35 -2.93 -2.55
CA GLY D 66 15.47 -3.75 -1.73
C GLY D 66 14.71 -2.98 -0.69
N TYR D 67 14.92 -1.68 -0.62
CA TYR D 67 14.30 -0.81 0.37
C TYR D 67 13.85 0.44 -0.34
N TYR D 68 13.08 1.27 0.37
CA TYR D 68 12.85 2.64 -0.03
C TYR D 68 12.91 3.49 1.23
N GLY D 69 13.12 4.80 1.05
CA GLY D 69 13.15 5.72 2.17
C GLY D 69 11.80 6.39 2.29
N ARG D 70 11.17 6.20 3.46
CA ARG D 70 9.92 6.90 3.72
C ARG D 70 10.19 8.12 4.58
N VAL D 71 9.87 9.29 4.03
CA VAL D 71 9.82 10.51 4.83
C VAL D 71 8.57 10.44 5.67
N ALA D 72 8.74 10.44 6.99
CA ALA D 72 7.66 10.15 7.91
C ALA D 72 7.57 11.27 8.93
N PRO D 73 6.39 11.48 9.54
CA PRO D 73 6.22 12.62 10.45
C PRO D 73 6.90 12.42 11.79
N ARG D 74 7.34 13.52 12.37
CA ARG D 74 7.74 13.52 13.77
CA ARG D 74 7.74 13.52 13.77
C ARG D 74 6.49 13.67 14.63
N SER D 75 6.43 12.89 15.70
CA SER D 75 5.21 12.84 16.50
C SER D 75 4.87 14.19 17.13
N GLY D 76 5.86 14.86 17.70
CA GLY D 76 5.59 16.11 18.42
C GLY D 76 5.00 17.19 17.54
N LEU D 77 5.56 17.38 16.34
CA LEU D 77 5.04 18.39 15.44
C LEU D 77 3.61 18.06 15.01
N ALA D 78 3.30 16.78 14.87
CA ALA D 78 1.95 16.38 14.51
C ALA D 78 0.97 16.66 15.64
N VAL D 79 1.27 16.17 16.84
CA VAL D 79 0.36 16.31 17.97
C VAL D 79 0.20 17.79 18.35
N LYS D 80 1.30 18.54 18.36
CA LYS D 80 1.27 19.89 18.90
C LYS D 80 0.92 20.94 17.84
N ASN D 81 1.38 20.77 16.60
CA ASN D 81 1.24 21.81 15.60
C ASN D 81 0.46 21.37 14.37
N PHE D 82 -0.15 20.18 14.38
CA PHE D 82 -1.04 19.74 13.30
C PHE D 82 -0.28 19.58 11.98
N ILE D 83 0.99 19.17 12.04
CA ILE D 83 1.84 19.03 10.87
C ILE D 83 1.81 17.58 10.41
N ASP D 84 1.68 17.38 9.10
CA ASP D 84 1.72 16.06 8.49
C ASP D 84 2.70 16.09 7.33
N VAL D 85 3.11 14.91 6.89
CA VAL D 85 4.07 14.77 5.79
C VAL D 85 3.34 14.23 4.57
N GLY D 86 3.43 14.95 3.45
CA GLY D 86 2.93 14.47 2.17
C GLY D 86 4.04 13.82 1.36
N ALA D 87 3.67 13.33 0.17
CA ALA D 87 4.60 12.57 -0.66
C ALA D 87 5.38 11.56 0.17
N GLY D 88 6.71 11.58 0.02
CA GLY D 88 7.60 10.92 0.95
C GLY D 88 8.09 9.54 0.55
N VAL D 89 7.76 9.07 -0.64
CA VAL D 89 8.30 7.80 -1.14
C VAL D 89 9.61 8.12 -1.86
N VAL D 90 10.73 7.81 -1.25
CA VAL D 90 12.05 8.06 -1.84
C VAL D 90 12.58 6.75 -2.42
N ASP D 91 12.67 6.70 -3.75
CA ASP D 91 13.17 5.52 -4.44
C ASP D 91 14.67 5.33 -4.23
N SER D 92 15.11 4.08 -4.30
CA SER D 92 16.51 3.79 -4.01
C SER D 92 17.46 4.42 -5.01
N ASP D 93 16.98 4.77 -6.22
CA ASP D 93 17.83 5.42 -7.21
C ASP D 93 17.59 6.92 -7.30
N TYR D 94 16.81 7.50 -6.40
CA TYR D 94 16.64 8.95 -6.38
C TYR D 94 17.91 9.64 -5.88
N ARG D 95 18.43 10.58 -6.68
CA ARG D 95 19.69 11.23 -6.37
C ARG D 95 19.56 12.74 -6.20
N GLY D 96 18.34 13.28 -6.16
CA GLY D 96 18.17 14.71 -5.99
C GLY D 96 18.17 15.13 -4.52
N ASN D 97 17.95 16.43 -4.32
CA ASN D 97 17.85 17.00 -2.97
C ASN D 97 16.70 16.35 -2.22
N LEU D 98 17.01 15.71 -1.09
CA LEU D 98 15.97 15.08 -0.28
C LEU D 98 15.08 16.16 0.34
N GLY D 99 13.82 16.23 -0.10
CA GLY D 99 12.89 17.25 0.35
C GLY D 99 11.80 16.67 1.23
N VAL D 100 11.23 17.52 2.08
CA VAL D 100 10.15 17.11 2.98
C VAL D 100 8.93 17.97 2.66
N LEU D 101 7.86 17.35 2.18
CA LEU D 101 6.62 18.06 1.87
C LEU D 101 5.76 18.09 3.12
N LEU D 102 5.59 19.28 3.69
CA LEU D 102 4.83 19.45 4.92
C LEU D 102 3.46 20.04 4.62
N PHE D 103 2.43 19.45 5.21
CA PHE D 103 1.08 20.02 5.24
C PHE D 103 0.81 20.57 6.63
N ASN D 104 0.42 21.83 6.69
CA ASN D 104 0.02 22.47 7.95
C ASN D 104 -1.50 22.51 7.97
N HIS D 105 -2.12 21.59 8.71
CA HIS D 105 -3.58 21.56 8.77
C HIS D 105 -4.14 22.54 9.81
N GLY D 106 -3.30 23.15 10.63
CA GLY D 106 -3.77 24.11 11.60
C GLY D 106 -4.18 25.43 10.96
N ASP D 107 -4.74 26.32 11.77
CA ASP D 107 -5.12 27.63 11.29
C ASP D 107 -4.12 28.71 11.68
N GLU D 108 -2.97 28.34 12.23
CA GLU D 108 -1.87 29.26 12.46
C GLU D 108 -0.67 28.84 11.64
N ASP D 109 0.05 29.81 11.09
CA ASP D 109 1.24 29.49 10.32
C ASP D 109 2.28 28.83 11.22
N PHE D 110 3.06 27.93 10.62
CA PHE D 110 4.07 27.16 11.34
C PHE D 110 5.44 27.61 10.88
N LYS D 111 6.24 28.13 11.81
CA LYS D 111 7.57 28.64 11.48
C LYS D 111 8.61 27.53 11.61
N ILE D 112 9.48 27.44 10.61
CA ILE D 112 10.63 26.52 10.63
C ILE D 112 11.91 27.36 10.57
N ALA D 113 12.78 27.14 11.53
CA ALA D 113 14.12 27.70 11.50
C ALA D 113 15.10 26.66 11.00
N ARG D 114 16.19 27.12 10.37
CA ARG D 114 17.24 26.23 9.94
C ARG D 114 17.72 25.39 11.12
N GLY D 115 17.84 24.08 10.90
CA GLY D 115 18.23 23.16 11.93
C GLY D 115 17.08 22.46 12.63
N ASP D 116 15.87 23.01 12.57
CA ASP D 116 14.72 22.35 13.15
C ASP D 116 14.55 20.95 12.58
N ARG D 117 14.25 19.99 13.43
CA ARG D 117 14.00 18.63 12.96
C ARG D 117 12.54 18.54 12.55
N ILE D 118 12.28 18.27 11.27
CA ILE D 118 10.94 18.42 10.72
C ILE D 118 10.38 17.15 10.10
N ALA D 119 11.16 16.06 10.05
CA ALA D 119 10.63 14.76 9.67
C ALA D 119 11.62 13.71 10.13
N GLN D 120 11.26 12.44 9.94
CA GLN D 120 12.20 11.35 10.09
C GLN D 120 12.22 10.51 8.82
N PHE D 121 13.26 9.68 8.69
CA PHE D 121 13.55 8.98 7.45
C PHE D 121 13.73 7.49 7.77
N VAL D 122 12.76 6.69 7.35
CA VAL D 122 12.71 5.27 7.68
C VAL D 122 13.09 4.46 6.44
N ILE D 123 13.97 3.48 6.61
CA ILE D 123 14.42 2.64 5.50
C ILE D 123 13.56 1.38 5.51
N GLU D 124 12.50 1.40 4.70
CA GLU D 124 11.46 0.36 4.72
C GLU D 124 11.81 -0.78 3.78
N GLN D 125 11.71 -2.02 4.26
CA GLN D 125 12.03 -3.16 3.42
C GLN D 125 10.84 -3.55 2.56
N ILE D 126 11.09 -3.81 1.28
CA ILE D 126 10.02 -4.06 0.31
C ILE D 126 10.36 -5.24 -0.59
N ALA D 127 9.33 -5.80 -1.20
CA ALA D 127 9.50 -6.71 -2.33
C ALA D 127 9.34 -5.90 -3.60
N LEU D 128 9.92 -6.41 -4.68
CA LEU D 128 9.83 -5.79 -6.01
C LEU D 128 9.33 -6.82 -7.01
N PRO D 129 8.10 -7.32 -6.84
CA PRO D 129 7.61 -8.38 -7.72
C PRO D 129 7.33 -7.89 -9.14
N ASP D 130 7.38 -8.82 -10.08
CA ASP D 130 6.74 -8.58 -11.36
C ASP D 130 5.24 -8.88 -11.22
N ILE D 131 4.50 -8.55 -12.28
CA ILE D 131 3.05 -8.72 -12.32
C ILE D 131 2.75 -9.90 -13.23
N VAL D 132 1.76 -10.71 -12.86
CA VAL D 132 1.17 -11.67 -13.79
C VAL D 132 -0.35 -11.52 -13.74
N GLU D 133 -0.96 -11.30 -14.91
CA GLU D 133 -2.41 -11.19 -14.98
C GLU D 133 -3.03 -12.57 -14.96
N VAL D 134 -4.08 -12.75 -14.15
CA VAL D 134 -4.79 -14.02 -14.04
C VAL D 134 -6.30 -13.77 -14.15
N ASP D 135 -7.04 -14.86 -14.37
CA ASP D 135 -8.49 -14.82 -14.40
C ASP D 135 -9.13 -14.96 -13.04
N ASP D 136 -8.42 -15.55 -12.07
CA ASP D 136 -8.91 -15.70 -10.71
C ASP D 136 -7.72 -15.70 -9.78
N LEU D 137 -7.81 -14.91 -8.71
CA LEU D 137 -6.65 -14.69 -7.86
C LEU D 137 -6.28 -15.92 -7.05
N ASP D 138 -7.27 -16.75 -6.69
CA ASP D 138 -7.03 -17.85 -5.77
C ASP D 138 -7.35 -19.21 -6.36
N HIS E 8 -11.71 27.87 -29.27
CA HIS E 8 -10.34 28.37 -29.30
C HIS E 8 -9.42 27.41 -30.09
N MET E 9 -8.16 27.81 -30.26
CA MET E 9 -7.18 27.03 -31.00
C MET E 9 -5.98 26.70 -30.13
N SER E 10 -5.19 25.73 -30.59
CA SER E 10 -3.95 25.40 -29.90
C SER E 10 -2.93 26.53 -30.07
N THR E 11 -2.19 26.79 -29.00
CA THR E 11 -1.12 27.78 -28.94
C THR E 11 0.17 27.06 -28.55
N PRO E 12 1.33 27.70 -28.64
CA PRO E 12 2.54 27.07 -28.09
C PRO E 12 2.44 26.79 -26.61
N GLN E 13 1.47 27.39 -25.89
CA GLN E 13 1.31 27.19 -24.46
C GLN E 13 0.31 26.11 -24.09
N LEU E 14 -0.65 25.81 -24.97
CA LEU E 14 -1.75 24.91 -24.61
C LEU E 14 -2.25 24.22 -25.87
N MET E 15 -2.05 22.92 -25.96
CA MET E 15 -2.42 22.13 -27.12
C MET E 15 -3.71 21.36 -26.83
N ARG E 16 -4.68 21.47 -27.73
CA ARG E 16 -5.95 20.79 -27.56
C ARG E 16 -5.85 19.33 -28.00
N VAL E 17 -6.50 18.44 -27.25
CA VAL E 17 -6.45 17.00 -27.48
CA VAL E 17 -6.47 17.01 -27.51
C VAL E 17 -7.86 16.44 -27.28
N LYS E 18 -8.23 15.47 -28.11
CA LYS E 18 -9.56 14.85 -28.03
C LYS E 18 -9.41 13.35 -27.87
N LYS E 19 -10.19 12.76 -26.96
CA LYS E 19 -10.24 11.31 -26.85
C LYS E 19 -11.21 10.77 -27.88
N LEU E 20 -10.73 9.87 -28.74
CA LEU E 20 -11.57 9.27 -29.76
C LEU E 20 -12.26 8.00 -29.29
N SER E 21 -11.85 7.44 -28.15
CA SER E 21 -12.53 6.33 -27.54
C SER E 21 -12.35 6.41 -26.04
N GLU E 22 -13.05 5.54 -25.32
CA GLU E 22 -12.85 5.51 -23.87
C GLU E 22 -11.55 4.85 -23.47
N PHE E 23 -10.77 4.31 -24.39
CA PHE E 23 -9.50 3.71 -24.03
C PHE E 23 -8.32 4.65 -24.19
N ALA E 24 -8.55 5.85 -24.72
CA ALA E 24 -7.47 6.81 -24.89
C ALA E 24 -6.96 7.28 -23.52
N ILE E 25 -5.67 7.58 -23.46
CA ILE E 25 -5.01 8.02 -22.24
C ILE E 25 -4.33 9.35 -22.54
N LEU E 26 -4.61 10.38 -21.74
CA LEU E 26 -4.12 11.70 -22.06
C LEU E 26 -2.58 11.72 -22.00
N PRO E 27 -1.93 12.39 -22.95
CA PRO E 27 -0.47 12.54 -22.88
C PRO E 27 -0.06 13.40 -21.70
N VAL E 28 1.13 13.10 -21.15
CA VAL E 28 1.66 13.82 -20.02
CA VAL E 28 1.66 13.81 -20.01
C VAL E 28 3.14 14.09 -20.25
N ARG E 29 3.60 15.28 -19.86
CA ARG E 29 5.01 15.63 -19.94
C ARG E 29 5.66 15.33 -18.59
N SER E 30 6.75 14.55 -18.61
CA SER E 30 7.27 13.98 -17.37
C SER E 30 7.94 15.02 -16.50
N SER E 31 8.50 16.07 -17.08
CA SER E 31 9.07 17.15 -16.28
C SER E 31 8.90 18.46 -17.04
N GLN E 32 9.26 19.56 -16.37
CA GLN E 32 8.92 20.89 -16.86
C GLN E 32 9.52 21.16 -18.23
N PHE E 33 10.74 20.67 -18.49
CA PHE E 33 11.42 20.95 -19.75
C PHE E 33 11.64 19.72 -20.61
N ALA E 34 10.95 18.61 -20.29
CA ALA E 34 11.07 17.41 -21.11
C ALA E 34 10.63 17.70 -22.53
N ALA E 35 11.37 17.16 -23.49
CA ALA E 35 11.13 17.50 -24.90
C ALA E 35 9.74 17.10 -25.34
N GLY E 36 9.21 15.98 -24.84
CA GLY E 36 8.01 15.42 -25.43
C GLY E 36 7.00 14.98 -24.37
N PHE E 37 5.76 14.88 -24.82
CA PHE E 37 4.72 14.18 -24.08
C PHE E 37 4.95 12.68 -24.16
N ASP E 38 4.70 11.97 -23.07
CA ASP E 38 4.62 10.51 -23.14
C ASP E 38 3.35 10.10 -23.88
N LEU E 39 3.47 9.18 -24.84
CA LEU E 39 2.33 8.59 -25.53
C LEU E 39 2.11 7.17 -25.01
N ALA E 40 0.88 6.87 -24.61
CA ALA E 40 0.53 5.58 -24.07
C ALA E 40 -0.32 4.80 -25.07
N SER E 41 -0.07 3.51 -25.18
CA SER E 41 -0.89 2.66 -26.04
C SER E 41 -2.28 2.49 -25.44
N ALA E 42 -3.30 2.57 -26.30
CA ALA E 42 -4.66 2.32 -25.87
C ALA E 42 -5.00 0.84 -25.81
N TYR E 43 -4.19 -0.03 -26.39
CA TYR E 43 -4.54 -1.45 -26.49
C TYR E 43 -3.31 -2.31 -26.24
N ASP E 44 -3.56 -3.58 -25.96
CA ASP E 44 -2.49 -4.57 -25.95
C ASP E 44 -2.06 -4.86 -27.38
N TYR E 45 -0.75 -4.95 -27.60
CA TYR E 45 -0.18 -5.24 -28.91
C TYR E 45 1.07 -6.11 -28.76
N VAL E 46 1.47 -6.72 -29.87
CA VAL E 46 2.75 -7.41 -29.97
CA VAL E 46 2.75 -7.41 -29.97
C VAL E 46 3.41 -6.98 -31.27
N VAL E 47 4.61 -6.39 -31.16
CA VAL E 47 5.40 -5.99 -32.32
C VAL E 47 6.30 -7.16 -32.68
N PRO E 48 6.10 -7.81 -33.83
CA PRO E 48 6.90 -9.01 -34.15
C PRO E 48 8.37 -8.68 -34.29
N ALA E 49 9.20 -9.67 -34.00
CA ALA E 49 10.63 -9.55 -34.23
C ALA E 49 10.89 -9.21 -35.69
N ARG E 50 11.81 -8.27 -35.92
CA ARG E 50 12.13 -7.79 -37.26
CA ARG E 50 12.14 -7.78 -37.26
C ARG E 50 10.90 -7.29 -38.02
N GLY E 51 9.86 -6.90 -37.29
CA GLY E 51 8.61 -6.47 -37.89
C GLY E 51 8.13 -5.12 -37.41
N LYS E 52 6.87 -4.79 -37.71
CA LYS E 52 6.33 -3.48 -37.36
C LYS E 52 4.93 -3.64 -36.79
N CYS E 53 4.39 -2.52 -36.30
CA CYS E 53 3.07 -2.47 -35.69
C CYS E 53 2.62 -1.02 -35.51
N LEU E 54 1.41 -0.70 -35.96
CA LEU E 54 0.85 0.63 -35.75
C LEU E 54 0.07 0.61 -34.44
N VAL E 55 0.51 1.40 -33.47
CA VAL E 55 -0.05 1.42 -32.13
C VAL E 55 -0.98 2.63 -32.02
N LYS E 56 -2.26 2.37 -31.80
CA LYS E 56 -3.25 3.45 -31.75
C LYS E 56 -3.27 4.07 -30.36
N THR E 57 -3.25 5.39 -30.29
CA THR E 57 -3.48 6.09 -29.03
C THR E 57 -4.94 6.43 -28.80
N ASP E 58 -5.75 6.40 -29.87
CA ASP E 58 -7.15 6.84 -29.83
C ASP E 58 -7.26 8.30 -29.36
N LEU E 59 -6.22 9.07 -29.60
CA LEU E 59 -6.20 10.51 -29.41
C LEU E 59 -6.24 11.19 -30.78
N ALA E 60 -6.96 12.30 -30.86
CA ALA E 60 -6.78 13.27 -31.92
C ALA E 60 -6.17 14.51 -31.30
N VAL E 61 -5.20 15.11 -31.99
CA VAL E 61 -4.47 16.25 -31.47
C VAL E 61 -4.55 17.40 -32.47
N ALA E 62 -4.44 18.62 -31.97
CA ALA E 62 -4.36 19.82 -32.81
C ALA E 62 -3.01 20.48 -32.52
N VAL E 63 -1.99 20.06 -33.24
CA VAL E 63 -0.67 20.67 -33.08
C VAL E 63 -0.75 22.12 -33.53
N PRO E 64 -0.22 23.08 -32.77
CA PRO E 64 -0.40 24.49 -33.14
C PRO E 64 0.28 24.83 -34.46
N HIS E 65 -0.29 25.80 -35.17
CA HIS E 65 0.27 26.27 -36.42
C HIS E 65 1.66 26.85 -36.20
N GLY E 66 2.56 26.61 -37.15
CA GLY E 66 3.94 26.98 -37.02
C GLY E 66 4.81 25.89 -36.43
N TYR E 67 4.22 24.74 -36.12
CA TYR E 67 4.89 23.62 -35.53
C TYR E 67 4.44 22.36 -36.25
N TYR E 68 5.13 21.26 -35.97
CA TYR E 68 4.56 19.94 -36.23
C TYR E 68 4.88 19.05 -35.04
N GLY E 69 4.13 17.95 -34.94
CA GLY E 69 4.31 17.00 -33.87
C GLY E 69 5.12 15.83 -34.39
N ARG E 70 6.26 15.58 -33.74
CA ARG E 70 7.10 14.46 -34.11
C ARG E 70 6.90 13.33 -33.10
N VAL E 71 6.39 12.20 -33.57
CA VAL E 71 6.40 10.99 -32.75
C VAL E 71 7.84 10.51 -32.69
N ALA E 72 8.41 10.47 -31.50
CA ALA E 72 9.82 10.19 -31.36
C ALA E 72 10.02 9.04 -30.39
N PRO E 73 11.14 8.35 -30.47
CA PRO E 73 11.36 7.17 -29.63
C PRO E 73 11.63 7.53 -28.17
N ARG E 74 11.16 6.66 -27.28
CA ARG E 74 11.64 6.65 -25.91
C ARG E 74 13.01 5.99 -25.87
N SER E 75 13.91 6.56 -25.08
CA SER E 75 15.30 6.10 -25.10
C SER E 75 15.43 4.68 -24.54
N GLY E 76 14.69 4.37 -23.48
CA GLY E 76 14.87 3.07 -22.83
C GLY E 76 14.47 1.92 -23.72
N LEU E 77 13.33 2.06 -24.42
CA LEU E 77 12.87 1.00 -25.33
C LEU E 77 13.82 0.82 -26.50
N ALA E 78 14.44 1.89 -26.97
CA ALA E 78 15.41 1.77 -28.05
C ALA E 78 16.66 1.02 -27.59
N VAL E 79 17.23 1.42 -26.45
CA VAL E 79 18.48 0.85 -25.99
C VAL E 79 18.27 -0.59 -25.54
N LYS E 80 17.21 -0.85 -24.78
CA LYS E 80 16.99 -2.16 -24.18
C LYS E 80 16.26 -3.13 -25.09
N ASN E 81 15.30 -2.65 -25.88
CA ASN E 81 14.47 -3.54 -26.69
C ASN E 81 14.63 -3.37 -28.20
N PHE E 82 15.54 -2.50 -28.67
CA PHE E 82 15.81 -2.35 -30.09
C PHE E 82 14.60 -1.79 -30.85
N ILE E 83 13.79 -0.96 -30.17
CA ILE E 83 12.55 -0.41 -30.71
C ILE E 83 12.84 0.94 -31.35
N ASP E 84 12.29 1.17 -32.54
CA ASP E 84 12.43 2.44 -33.23
C ASP E 84 11.07 2.92 -33.71
N VAL E 85 10.95 4.22 -33.94
CA VAL E 85 9.70 4.84 -34.37
C VAL E 85 9.83 5.21 -35.84
N GLY E 86 8.91 4.69 -36.67
CA GLY E 86 8.82 5.06 -38.06
C GLY E 86 7.82 6.18 -38.29
N ALA E 87 7.72 6.61 -39.55
CA ALA E 87 6.83 7.71 -39.91
C ALA E 87 7.02 8.88 -38.96
N GLY E 88 5.93 9.33 -38.33
CA GLY E 88 6.02 10.21 -37.17
C GLY E 88 5.89 11.70 -37.43
N VAL E 89 5.68 12.13 -38.67
CA VAL E 89 5.45 13.55 -38.96
C VAL E 89 3.94 13.81 -38.85
N VAL E 90 3.52 14.50 -37.80
CA VAL E 90 2.11 14.81 -37.57
C VAL E 90 1.90 16.27 -37.92
N ASP E 91 1.17 16.51 -39.00
CA ASP E 91 0.91 17.87 -39.47
C ASP E 91 -0.03 18.60 -38.52
N SER E 92 0.11 19.93 -38.48
CA SER E 92 -0.69 20.70 -37.55
C SER E 92 -2.19 20.68 -37.90
N ASP E 93 -2.54 20.33 -39.14
CA ASP E 93 -3.96 20.17 -39.48
C ASP E 93 -4.42 18.71 -39.46
N TYR E 94 -3.57 17.77 -39.07
CA TYR E 94 -3.99 16.38 -38.99
C TYR E 94 -4.99 16.18 -37.85
N ARG E 95 -6.16 15.62 -38.17
CA ARG E 95 -7.21 15.42 -37.18
C ARG E 95 -7.59 13.95 -36.99
N GLY E 96 -6.81 13.01 -37.49
CA GLY E 96 -7.13 11.61 -37.36
C GLY E 96 -6.53 11.01 -36.09
N ASN E 97 -6.73 9.70 -35.94
CA ASN E 97 -6.22 8.97 -34.79
C ASN E 97 -4.70 8.99 -34.77
N LEU E 98 -4.13 9.48 -33.67
CA LEU E 98 -2.67 9.52 -33.52
C LEU E 98 -2.14 8.11 -33.32
N GLY E 99 -1.50 7.55 -34.35
CA GLY E 99 -0.85 6.27 -34.26
C GLY E 99 0.65 6.37 -34.12
N VAL E 100 1.24 5.38 -33.45
CA VAL E 100 2.68 5.27 -33.29
C VAL E 100 3.13 4.05 -34.09
N LEU E 101 3.92 4.27 -35.13
CA LEU E 101 4.43 3.17 -35.95
C LEU E 101 5.76 2.71 -35.36
N LEU E 102 5.80 1.49 -34.85
CA LEU E 102 6.96 0.95 -34.16
C LEU E 102 7.64 -0.10 -35.03
N PHE E 103 8.96 -0.01 -35.12
CA PHE E 103 9.80 -1.03 -35.72
C PHE E 103 10.52 -1.79 -34.61
N ASN E 104 10.45 -3.10 -34.64
CA ASN E 104 11.16 -3.95 -33.68
C ASN E 104 12.30 -4.61 -34.46
N HIS E 105 13.49 -4.03 -34.37
CA HIS E 105 14.64 -4.62 -35.06
C HIS E 105 15.27 -5.79 -34.31
N GLY E 106 14.80 -6.09 -33.10
CA GLY E 106 15.37 -7.18 -32.34
C GLY E 106 14.89 -8.54 -32.80
N ASP E 107 15.50 -9.57 -32.22
CA ASP E 107 15.15 -10.95 -32.53
C ASP E 107 14.02 -11.50 -31.67
N GLU E 108 13.49 -10.71 -30.74
CA GLU E 108 12.39 -11.16 -29.88
C GLU E 108 11.20 -10.22 -30.03
N ASP E 109 10.00 -10.80 -30.00
CA ASP E 109 8.78 -10.02 -30.04
C ASP E 109 8.72 -9.06 -28.85
N PHE E 110 8.07 -7.93 -29.04
CA PHE E 110 7.97 -6.90 -28.01
C PHE E 110 6.51 -6.76 -27.58
N LYS E 111 6.23 -7.14 -26.34
CA LYS E 111 4.86 -7.09 -25.83
C LYS E 111 4.52 -5.69 -25.37
N ILE E 112 3.34 -5.22 -25.76
CA ILE E 112 2.82 -3.93 -25.33
C ILE E 112 1.51 -4.18 -24.60
N ALA E 113 1.40 -3.65 -23.38
CA ALA E 113 0.15 -3.70 -22.64
C ALA E 113 -0.50 -2.32 -22.68
N ARG E 114 -1.84 -2.32 -22.64
CA ARG E 114 -2.57 -1.06 -22.60
CA ARG E 114 -2.59 -1.07 -22.58
C ARG E 114 -2.02 -0.17 -21.49
N GLY E 115 -1.78 1.09 -21.85
CA GLY E 115 -1.21 2.04 -20.92
C GLY E 115 0.31 2.12 -20.92
N ASP E 116 1.00 1.19 -21.57
CA ASP E 116 2.45 1.29 -21.70
C ASP E 116 2.82 2.53 -22.49
N ARG E 117 3.82 3.26 -22.00
CA ARG E 117 4.37 4.42 -22.69
C ARG E 117 5.33 3.92 -23.77
N ILE E 118 5.00 4.17 -25.04
CA ILE E 118 5.71 3.54 -26.14
C ILE E 118 6.33 4.54 -27.11
N ALA E 119 6.21 5.83 -26.87
CA ALA E 119 6.83 6.86 -27.69
C ALA E 119 6.69 8.18 -26.96
N GLN E 120 7.22 9.24 -27.56
CA GLN E 120 7.00 10.58 -27.07
C GLN E 120 6.65 11.48 -28.24
N PHE E 121 6.08 12.65 -27.91
CA PHE E 121 5.46 13.54 -28.89
C PHE E 121 6.03 14.94 -28.71
N VAL E 122 6.92 15.33 -29.62
CA VAL E 122 7.66 16.58 -29.53
C VAL E 122 7.05 17.61 -30.47
N ILE E 123 6.79 18.82 -29.97
CA ILE E 123 6.19 19.89 -30.77
C ILE E 123 7.34 20.72 -31.36
N GLU E 124 7.73 20.39 -32.60
CA GLU E 124 8.92 20.95 -33.24
CA GLU E 124 8.92 20.97 -33.21
C GLU E 124 8.57 22.26 -33.95
N GLN E 125 9.36 23.30 -33.69
CA GLN E 125 9.12 24.58 -34.35
C GLN E 125 9.73 24.57 -35.76
N ILE E 126 8.96 25.04 -36.73
CA ILE E 126 9.35 24.96 -38.14
C ILE E 126 9.00 26.26 -38.86
N ALA E 127 9.68 26.48 -39.99
CA ALA E 127 9.23 27.46 -40.96
C ALA E 127 8.36 26.77 -42.01
N LEU E 128 7.59 27.58 -42.74
CA LEU E 128 6.70 27.09 -43.80
C LEU E 128 6.93 27.86 -45.08
N PRO E 129 8.15 27.87 -45.60
CA PRO E 129 8.44 28.71 -46.77
C PRO E 129 7.74 28.20 -48.02
N ASP E 130 7.45 29.14 -48.92
CA ASP E 130 7.14 28.78 -50.30
C ASP E 130 8.44 28.54 -51.07
N ILE E 131 8.31 28.11 -52.31
CA ILE E 131 9.44 27.73 -53.16
C ILE E 131 9.58 28.76 -54.28
N VAL E 132 10.82 29.14 -54.57
CA VAL E 132 11.12 29.88 -55.80
C VAL E 132 12.22 29.15 -56.55
N GLU E 133 11.97 28.81 -57.80
CA GLU E 133 12.99 28.20 -58.63
C GLU E 133 13.93 29.28 -59.14
N VAL E 134 15.24 29.06 -59.00
CA VAL E 134 16.23 30.02 -59.42
C VAL E 134 17.28 29.31 -60.27
N ASP E 135 18.13 30.13 -60.90
CA ASP E 135 19.25 29.65 -61.70
C ASP E 135 20.54 29.55 -60.87
N ASP E 136 20.78 30.49 -59.96
CA ASP E 136 21.92 30.44 -59.06
C ASP E 136 21.42 30.56 -57.64
N LEU E 137 21.71 29.54 -56.81
CA LEU E 137 21.28 29.59 -55.42
C LEU E 137 21.96 30.72 -54.67
N ASP E 138 23.24 30.94 -54.94
CA ASP E 138 24.03 31.95 -54.23
C ASP E 138 24.38 33.07 -55.18
N GLU E 139 23.37 33.60 -55.88
CA GLU E 139 23.54 34.66 -56.87
C GLU E 139 24.19 35.91 -56.26
C1 BTB F . -9.14 -24.00 9.85
O1 BTB F . -8.02 -23.27 10.25
C2 BTB F . -10.24 -23.12 9.24
C3 BTB F . -10.92 -22.14 10.23
O3 BTB F . -11.73 -22.83 11.15
C4 BTB F . -11.32 -24.10 8.78
O4 BTB F . -12.38 -23.38 8.27
N BTB F . -9.73 -22.41 8.08
C5 BTB F . -9.66 -20.93 8.06
C6 BTB F . -8.56 -20.29 8.94
O6 BTB F . -7.33 -20.94 8.80
C7 BTB F . -8.86 -23.15 7.18
C8 BTB F . -9.25 -22.90 5.71
O8 BTB F . -10.40 -23.64 5.38
C1 EDO G . 3.83 -20.42 15.19
O1 EDO G . 4.65 -19.26 15.41
C2 EDO G . 2.57 -20.01 14.41
O2 EDO G . 1.62 -19.33 15.24
C1 BTB H . 2.38 6.69 19.79
O1 BTB H . 1.82 7.00 21.04
C2 BTB H . 2.71 7.93 18.94
C3 BTB H . 1.43 8.47 18.29
O3 BTB H . 0.93 7.55 17.34
C4 BTB H . 3.63 7.50 17.81
O4 BTB H . 3.75 8.55 16.88
N BTB H . 3.44 8.94 19.72
C5 BTB H . 2.79 10.20 20.13
C6 BTB H . 1.64 10.08 21.15
O6 BTB H . 2.12 9.76 22.42
C7 BTB H . 4.52 8.46 20.56
C8 BTB H . 5.83 9.17 20.22
O8 BTB H . 6.49 8.53 19.16
C1 BTB I . -8.11 -0.62 -1.18
O1 BTB I . -9.31 -0.86 -1.87
C2 BTB I . -8.40 0.18 0.09
C3 BTB I . -8.34 1.69 -0.19
O3 BTB I . -7.02 2.04 -0.46
C4 BTB I . -7.33 -0.17 1.13
O4 BTB I . -7.28 0.84 2.09
N BTB I . -9.73 -0.24 0.52
C5 BTB I . -10.53 0.79 1.18
C6 BTB I . -11.77 1.07 0.31
O6 BTB I . -11.49 0.70 -1.02
C7 BTB I . -9.78 -1.60 1.07
C8 BTB I . -10.33 -1.68 2.48
O8 BTB I . -9.28 -1.94 3.37
C1 BTB J . 12.03 13.58 -1.83
O1 BTB J . 12.60 14.79 -2.22
C2 BTB J . 10.52 13.50 -2.15
C3 BTB J . 9.69 14.35 -1.18
O3 BTB J . 9.60 13.71 0.06
C4 BTB J . 10.10 12.04 -1.95
O4 BTB J . 8.76 11.88 -2.31
N BTB J . 10.26 13.88 -3.55
C5 BTB J . 9.56 15.14 -3.85
C6 BTB J . 10.35 16.46 -3.66
O6 BTB J . 11.70 16.34 -4.02
C7 BTB J . 11.19 13.35 -4.53
C8 BTB J . 10.45 12.58 -5.62
O8 BTB J . 10.25 11.25 -5.21
C1 BTB K . -0.02 9.78 -37.02
O1 BTB K . -0.98 8.80 -36.73
C2 BTB K . 0.93 9.31 -38.12
C3 BTB K . 1.60 7.98 -37.72
O3 BTB K . 2.64 8.26 -36.83
C4 BTB K . 2.04 10.34 -38.29
O4 BTB K . 3.14 9.76 -38.90
N BTB K . 0.24 9.17 -39.41
C5 BTB K . -0.08 7.82 -39.87
C6 BTB K . -1.44 7.31 -39.36
O6 BTB K . -1.21 6.09 -38.72
C7 BTB K . -0.75 10.21 -39.70
C8 BTB K . -0.44 10.82 -41.08
O8 BTB K . 0.25 12.04 -40.96
#